data_9K8Q
#
_entry.id   9K8Q
#
_cell.length_a   122.689
_cell.length_b   122.689
_cell.length_c   128.408
_cell.angle_alpha   90.00
_cell.angle_beta   90.00
_cell.angle_gamma   120.00
#
_symmetry.space_group_name_H-M   'P 32 2 1'
#
_entity_poly.entity_id   1
_entity_poly.type   'polypeptide(L)'
_entity_poly.pdbx_seq_one_letter_code
;MGSSIAPSLAVADLFNVNGLVAVVTGGATGIGLMMVRALEENGAKVYIVGRRKEVLEKVAKNEAKHGNIIPLQGDASSKD
DLERIVAHITKETGYINLLVANAGIPGPAPIKMSPSSSLADIQKDLWNTDPAEFEHIFNVHVRGAYFSFAAFLPLLSAGN
EKGNVPQSSQMIITGSIGAFGRVPLAHYAYSASKAGVTHMAKQLATAFTKYGIRFNVIAPGLYPSEMTEEIVKGTHQLTP
DEYAMKVSPLGRPGNDEDVAGCILWLASKAGAWVSGNVLVTDGGKLGLVPSSY
;
_entity_poly.pdbx_strand_id   A,B,C
#
# COMPACT_ATOMS: atom_id res chain seq x y z
N LEU A 9 -9.12 -14.03 -29.45
CA LEU A 9 -9.45 -13.03 -28.45
C LEU A 9 -9.98 -13.71 -27.20
N ALA A 10 -10.09 -15.03 -27.25
CA ALA A 10 -10.46 -15.80 -26.07
C ALA A 10 -9.30 -15.85 -25.08
N VAL A 11 -9.64 -16.17 -23.82
CA VAL A 11 -8.67 -16.13 -22.73
C VAL A 11 -7.45 -16.99 -23.06
N ALA A 12 -7.65 -18.13 -23.72
CA ALA A 12 -6.54 -19.02 -24.00
C ALA A 12 -5.53 -18.40 -24.95
N ASP A 13 -5.95 -17.45 -25.78
CA ASP A 13 -5.03 -16.78 -26.69
C ASP A 13 -4.45 -15.49 -26.09
N LEU A 14 -5.27 -14.73 -25.36
CA LEU A 14 -4.79 -13.48 -24.76
C LEU A 14 -3.80 -13.73 -23.64
N PHE A 15 -4.22 -14.45 -22.60
CA PHE A 15 -3.35 -14.64 -21.43
C PHE A 15 -2.38 -15.80 -21.61
N ASN A 16 -1.85 -15.96 -22.82
CA ASN A 16 -0.89 -17.01 -23.13
C ASN A 16 0.52 -16.56 -22.80
N VAL A 17 1.26 -17.43 -22.13
CA VAL A 17 2.68 -17.20 -21.91
C VAL A 17 3.53 -18.19 -22.72
N ASN A 18 2.93 -18.82 -23.73
CA ASN A 18 3.61 -19.85 -24.50
C ASN A 18 4.90 -19.33 -25.12
N GLY A 19 5.98 -20.09 -24.93
CA GLY A 19 7.29 -19.70 -25.42
C GLY A 19 7.86 -18.48 -24.75
N LEU A 20 7.50 -18.23 -23.49
CA LEU A 20 8.10 -17.14 -22.74
C LEU A 20 9.31 -17.68 -22.00
N VAL A 21 10.45 -17.03 -22.18
CA VAL A 21 11.68 -17.42 -21.50
C VAL A 21 11.79 -16.45 -20.32
N ALA A 22 11.31 -16.90 -19.17
CA ALA A 22 11.31 -16.09 -17.96
C ALA A 22 12.46 -16.50 -17.05
N VAL A 23 12.83 -15.58 -16.16
CA VAL A 23 13.81 -15.86 -15.12
C VAL A 23 13.27 -15.29 -13.83
N VAL A 24 13.01 -16.18 -12.86
CA VAL A 24 12.41 -15.79 -11.60
C VAL A 24 13.44 -16.00 -10.51
N THR A 25 13.94 -14.90 -9.97
CA THR A 25 14.89 -14.93 -8.86
C THR A 25 14.16 -15.22 -7.55
N GLY A 26 14.95 -15.58 -6.54
CA GLY A 26 14.46 -16.00 -5.26
C GLY A 26 14.38 -17.50 -5.04
N GLY A 27 14.26 -18.27 -6.10
CA GLY A 27 14.26 -19.70 -6.00
C GLY A 27 12.91 -20.39 -5.97
N ALA A 28 11.89 -19.80 -6.58
CA ALA A 28 10.55 -20.39 -6.64
C ALA A 28 10.03 -20.69 -5.24
N THR A 29 9.98 -19.64 -4.42
CA THR A 29 9.52 -19.68 -3.04
C THR A 29 8.54 -18.56 -2.77
N GLY A 30 7.37 -18.92 -2.23
CA GLY A 30 6.39 -17.90 -1.88
C GLY A 30 5.78 -17.35 -3.14
N ILE A 31 5.65 -16.02 -3.19
CA ILE A 31 5.13 -15.36 -4.39
C ILE A 31 5.91 -15.83 -5.62
N GLY A 32 7.23 -15.98 -5.48
CA GLY A 32 8.04 -16.51 -6.57
C GLY A 32 7.54 -17.86 -7.05
N LEU A 33 7.29 -18.78 -6.11
CA LEU A 33 6.77 -20.10 -6.47
C LEU A 33 5.42 -19.99 -7.17
N MET A 34 4.46 -19.31 -6.55
CA MET A 34 3.15 -19.13 -7.17
C MET A 34 3.25 -18.52 -8.56
N MET A 35 4.34 -17.82 -8.86
CA MET A 35 4.50 -17.21 -10.18
C MET A 35 5.14 -18.15 -11.18
N VAL A 36 6.17 -18.90 -10.80
CA VAL A 36 6.76 -19.86 -11.73
C VAL A 36 5.75 -20.95 -12.09
N ARG A 37 4.94 -21.37 -11.12
CA ARG A 37 3.93 -22.39 -11.41
C ARG A 37 2.91 -21.89 -12.42
N ALA A 38 2.32 -20.71 -12.15
CA ALA A 38 1.33 -20.15 -13.06
C ALA A 38 1.89 -19.88 -14.45
N LEU A 39 3.20 -19.68 -14.56
CA LEU A 39 3.84 -19.38 -15.83
C LEU A 39 4.20 -20.65 -16.60
N GLU A 40 4.74 -21.65 -15.91
CA GLU A 40 5.11 -22.90 -16.59
C GLU A 40 3.88 -23.71 -16.98
N GLU A 41 2.92 -23.86 -16.05
CA GLU A 41 1.69 -24.59 -16.36
C GLU A 41 1.07 -24.11 -17.67
N ASN A 42 1.08 -22.79 -17.90
CA ASN A 42 0.54 -22.22 -19.11
C ASN A 42 1.60 -22.04 -20.18
N GLY A 43 2.74 -22.72 -20.05
CA GLY A 43 3.71 -22.86 -21.12
C GLY A 43 4.86 -21.87 -21.18
N ALA A 44 5.77 -21.91 -20.22
CA ALA A 44 6.90 -21.00 -20.26
C ALA A 44 8.17 -21.66 -19.76
N LYS A 45 9.27 -21.40 -20.44
CA LYS A 45 10.59 -21.84 -19.99
C LYS A 45 11.02 -20.91 -18.87
N VAL A 46 10.91 -21.40 -17.63
CA VAL A 46 11.21 -20.59 -16.46
C VAL A 46 12.53 -21.05 -15.87
N TYR A 47 13.55 -20.18 -15.95
CA TYR A 47 14.77 -20.39 -15.18
C TYR A 47 14.54 -19.87 -13.77
N ILE A 48 14.91 -20.66 -12.78
CA ILE A 48 14.74 -20.27 -11.38
C ILE A 48 16.14 -20.20 -10.77
N VAL A 49 16.40 -19.13 -10.04
CA VAL A 49 17.71 -18.88 -9.45
C VAL A 49 17.59 -18.83 -7.94
N GLY A 50 18.56 -19.42 -7.27
CA GLY A 50 18.62 -19.44 -5.83
C GLY A 50 19.98 -19.96 -5.43
N ARG A 51 20.25 -19.86 -4.14
N ARG A 51 20.26 -19.86 -4.14
CA ARG A 51 21.55 -20.23 -3.59
CA ARG A 51 21.56 -20.24 -3.59
C ARG A 51 21.56 -21.63 -2.99
C ARG A 51 21.56 -21.63 -2.99
N ARG A 52 20.42 -22.31 -2.97
CA ARG A 52 20.29 -23.65 -2.41
C ARG A 52 19.73 -24.59 -3.48
N LYS A 53 20.63 -25.30 -4.16
CA LYS A 53 20.22 -26.13 -5.28
C LYS A 53 19.24 -27.21 -4.83
N GLU A 54 19.34 -27.66 -3.59
CA GLU A 54 18.45 -28.69 -3.07
C GLU A 54 16.98 -28.30 -3.19
N VAL A 55 16.64 -27.04 -2.87
CA VAL A 55 15.26 -26.60 -2.97
C VAL A 55 14.89 -26.25 -4.40
N LEU A 56 15.86 -25.76 -5.18
CA LEU A 56 15.63 -25.44 -6.59
C LEU A 56 15.21 -26.68 -7.37
N GLU A 57 15.88 -27.80 -7.13
CA GLU A 57 15.54 -29.01 -7.86
C GLU A 57 14.24 -29.64 -7.39
N LYS A 58 13.85 -29.45 -6.13
CA LYS A 58 12.57 -29.97 -5.66
C LYS A 58 11.40 -29.39 -6.44
N VAL A 59 11.34 -28.06 -6.55
CA VAL A 59 10.25 -27.42 -7.28
C VAL A 59 10.25 -27.88 -8.73
N ALA A 60 11.43 -27.96 -9.34
CA ALA A 60 11.53 -28.43 -10.72
C ALA A 60 10.97 -29.84 -10.89
N LYS A 61 11.22 -30.71 -9.92
CA LYS A 61 10.79 -32.10 -10.03
C LYS A 61 9.57 -32.42 -9.16
N ASN A 62 8.87 -31.41 -8.65
CA ASN A 62 7.67 -31.64 -7.85
C ASN A 62 6.50 -30.77 -8.28
N GLU A 63 6.74 -29.53 -8.68
CA GLU A 63 5.68 -28.60 -9.02
C GLU A 63 5.60 -28.26 -10.51
N ALA A 64 6.59 -28.66 -11.30
CA ALA A 64 6.56 -28.44 -12.74
C ALA A 64 5.57 -29.38 -13.42
N LYS A 65 4.59 -28.81 -14.12
CA LYS A 65 3.57 -29.61 -14.79
C LYS A 65 3.94 -30.01 -16.21
N HIS A 66 4.86 -29.30 -16.85
CA HIS A 66 5.34 -29.70 -18.17
C HIS A 66 6.83 -29.97 -18.22
N GLY A 67 7.55 -29.78 -17.11
CA GLY A 67 8.97 -30.08 -17.07
C GLY A 67 9.85 -29.05 -17.71
N ASN A 68 9.44 -27.78 -17.70
CA ASN A 68 10.20 -26.69 -18.32
C ASN A 68 10.74 -25.72 -17.29
N ILE A 69 10.98 -26.20 -16.07
CA ILE A 69 11.57 -25.41 -15.00
C ILE A 69 13.03 -25.81 -14.89
N ILE A 70 13.94 -24.85 -15.06
CA ILE A 70 15.36 -25.11 -15.14
C ILE A 70 16.02 -24.45 -13.93
N PRO A 71 16.46 -25.23 -12.95
CA PRO A 71 17.10 -24.63 -11.77
C PRO A 71 18.47 -24.07 -12.11
N LEU A 72 18.92 -23.13 -11.29
CA LEU A 72 20.24 -22.53 -11.46
C LEU A 72 20.71 -22.01 -10.12
N GLN A 73 21.79 -22.59 -9.61
CA GLN A 73 22.34 -22.18 -8.33
C GLN A 73 23.09 -20.87 -8.51
N GLY A 74 22.89 -19.95 -7.57
CA GLY A 74 23.54 -18.67 -7.67
C GLY A 74 23.10 -17.68 -6.61
N ASP A 75 24.06 -16.92 -6.11
CA ASP A 75 23.77 -15.83 -5.18
C ASP A 75 23.46 -14.58 -6.00
N ALA A 76 22.26 -14.03 -5.80
CA ALA A 76 21.95 -12.78 -6.48
C ALA A 76 22.77 -11.63 -5.90
N SER A 77 23.18 -11.76 -4.63
CA SER A 77 24.06 -10.77 -4.03
C SER A 77 25.44 -10.83 -4.66
N SER A 78 25.92 -12.05 -4.92
CA SER A 78 27.17 -12.22 -5.63
C SER A 78 27.00 -11.79 -7.06
N LYS A 79 27.84 -10.86 -7.46
CA LYS A 79 27.79 -10.34 -8.81
C LYS A 79 28.33 -11.35 -9.81
N ASP A 80 29.43 -12.04 -9.43
CA ASP A 80 30.03 -13.02 -10.31
C ASP A 80 29.11 -14.21 -10.56
N ASP A 81 28.38 -14.66 -9.52
CA ASP A 81 27.36 -15.68 -9.73
C ASP A 81 26.24 -15.17 -10.64
N LEU A 82 25.97 -13.88 -10.62
CA LEU A 82 24.97 -13.31 -11.52
C LEU A 82 25.51 -13.29 -12.94
N GLU A 83 26.80 -12.99 -13.07
CA GLU A 83 27.48 -13.07 -14.37
C GLU A 83 27.45 -14.48 -14.94
N ARG A 84 27.60 -15.49 -14.09
CA ARG A 84 27.55 -16.88 -14.54
C ARG A 84 26.17 -17.27 -15.06
N ILE A 85 25.12 -16.94 -14.32
CA ILE A 85 23.79 -17.39 -14.70
C ILE A 85 23.37 -16.70 -15.99
N VAL A 86 23.77 -15.44 -16.16
CA VAL A 86 23.52 -14.76 -17.42
C VAL A 86 24.33 -15.41 -18.54
N ALA A 87 25.59 -15.75 -18.25
CA ALA A 87 26.42 -16.47 -19.22
C ALA A 87 25.80 -17.80 -19.62
N HIS A 88 25.19 -18.50 -18.67
CA HIS A 88 24.56 -19.78 -18.97
C HIS A 88 23.36 -19.59 -19.90
N ILE A 89 22.47 -18.66 -19.56
CA ILE A 89 21.26 -18.48 -20.36
C ILE A 89 21.60 -17.90 -21.73
N THR A 90 22.65 -17.08 -21.83
CA THR A 90 23.02 -16.52 -23.13
C THR A 90 23.44 -17.59 -24.13
N LYS A 91 24.04 -18.68 -23.66
CA LYS A 91 24.40 -19.72 -24.63
C LYS A 91 23.32 -20.78 -24.78
N GLU A 92 22.61 -21.11 -23.69
CA GLU A 92 21.60 -22.16 -23.76
C GLU A 92 20.38 -21.69 -24.55
N THR A 93 19.89 -20.50 -24.26
CA THR A 93 18.70 -19.97 -24.92
C THR A 93 18.99 -18.70 -25.69
N GLY A 94 19.86 -17.84 -25.17
CA GLY A 94 20.26 -16.64 -25.86
C GLY A 94 19.36 -15.45 -25.69
N TYR A 95 18.22 -15.60 -25.01
CA TYR A 95 17.27 -14.51 -24.89
C TYR A 95 16.34 -14.78 -23.72
N ILE A 96 15.98 -13.73 -23.01
CA ILE A 96 14.92 -13.78 -22.00
C ILE A 96 13.97 -12.64 -22.29
N ASN A 97 12.69 -12.87 -21.99
CA ASN A 97 11.66 -11.85 -22.16
C ASN A 97 11.13 -11.33 -20.84
N LEU A 98 11.00 -12.17 -19.83
CA LEU A 98 10.54 -11.76 -18.51
C LEU A 98 11.63 -11.97 -17.49
N LEU A 99 11.75 -11.02 -16.57
CA LEU A 99 12.62 -11.15 -15.41
C LEU A 99 11.76 -10.84 -14.19
N VAL A 100 11.55 -11.84 -13.34
CA VAL A 100 10.83 -11.62 -12.09
C VAL A 100 11.85 -11.63 -10.97
N ALA A 101 12.44 -10.47 -10.70
CA ALA A 101 13.42 -10.37 -9.63
C ALA A 101 12.70 -10.18 -8.31
N ASN A 102 13.05 -10.99 -7.33
CA ASN A 102 12.53 -10.85 -5.97
C ASN A 102 13.63 -10.14 -5.20
N ALA A 103 13.61 -8.82 -5.24
CA ALA A 103 14.63 -8.03 -4.57
C ALA A 103 14.65 -8.36 -3.09
N GLY A 104 15.84 -8.65 -2.57
CA GLY A 104 16.00 -9.01 -1.18
C GLY A 104 15.68 -10.44 -0.83
N ILE A 105 15.86 -11.38 -1.75
CA ILE A 105 15.89 -12.79 -1.37
C ILE A 105 17.27 -13.03 -0.76
N PRO A 106 18.37 -12.60 -1.41
CA PRO A 106 19.61 -12.46 -0.64
C PRO A 106 19.55 -11.24 0.26
N GLY A 107 18.52 -11.12 1.08
CA GLY A 107 18.37 -9.95 1.92
C GLY A 107 18.07 -10.29 3.37
N PRO A 108 16.85 -10.00 3.82
CA PRO A 108 16.48 -10.30 5.20
C PRO A 108 16.55 -11.80 5.49
N ALA A 109 16.75 -12.09 6.78
CA ALA A 109 16.80 -13.46 7.26
C ALA A 109 15.47 -14.16 7.00
N PRO A 110 15.43 -15.24 6.23
CA PRO A 110 14.15 -15.86 5.86
C PRO A 110 13.48 -16.58 7.02
N ILE A 111 14.26 -17.27 7.83
CA ILE A 111 13.77 -18.09 8.93
C ILE A 111 14.15 -17.44 10.25
N LYS A 112 13.22 -17.46 11.20
CA LYS A 112 13.42 -16.88 12.53
C LYS A 112 13.67 -17.99 13.56
N MET A 113 14.68 -17.76 14.40
CA MET A 113 15.10 -18.77 15.39
C MET A 113 14.25 -18.67 16.66
N SER A 114 14.38 -17.55 17.37
CA SER A 114 13.77 -17.42 18.67
C SER A 114 12.24 -17.51 18.57
N PRO A 115 11.59 -17.90 19.66
CA PRO A 115 10.12 -17.86 19.72
C PRO A 115 9.59 -16.45 19.52
N SER A 116 8.54 -16.34 18.69
CA SER A 116 7.91 -15.05 18.42
C SER A 116 6.55 -14.87 19.07
N SER A 117 6.05 -15.81 19.89
CA SER A 117 4.68 -15.73 20.41
C SER A 117 4.53 -15.45 21.91
N SER A 118 5.28 -14.50 22.44
CA SER A 118 5.17 -14.15 23.85
C SER A 118 5.57 -12.69 24.04
N LEU A 119 4.96 -12.04 25.03
CA LEU A 119 5.35 -10.67 25.35
C LEU A 119 6.85 -10.58 25.62
N ALA A 120 7.41 -11.60 26.27
CA ALA A 120 8.86 -11.64 26.44
C ALA A 120 9.55 -11.85 25.10
N ASP A 121 9.09 -12.85 24.34
CA ASP A 121 9.63 -13.07 23.00
C ASP A 121 9.49 -11.83 22.12
N ILE A 122 8.35 -11.14 22.19
CA ILE A 122 8.19 -9.91 21.43
C ILE A 122 9.20 -8.88 21.90
N GLN A 123 9.38 -8.78 23.21
CA GLN A 123 10.43 -7.92 23.75
C GLN A 123 11.81 -8.43 23.32
N LYS A 124 12.02 -9.75 23.38
CA LYS A 124 13.30 -10.34 23.02
C LYS A 124 13.65 -10.04 21.57
N ASP A 125 12.67 -10.12 20.68
CA ASP A 125 12.88 -9.75 19.29
C ASP A 125 13.12 -8.25 19.14
N LEU A 126 12.47 -7.42 19.96
CA LEU A 126 12.66 -5.98 19.85
C LEU A 126 14.06 -5.56 20.31
N TRP A 127 14.56 -6.16 21.39
CA TRP A 127 15.88 -5.83 21.90
C TRP A 127 17.00 -6.24 20.95
N ASN A 128 16.84 -7.36 20.26
CA ASN A 128 17.94 -7.93 19.48
C ASN A 128 17.93 -7.57 18.01
N THR A 129 16.97 -6.77 17.57
CA THR A 129 16.96 -6.21 16.21
C THR A 129 17.25 -4.72 16.27
N ASP A 130 18.41 -4.32 15.73
CA ASP A 130 18.74 -2.89 15.62
C ASP A 130 17.82 -2.23 14.61
N PRO A 131 17.20 -1.08 14.94
CA PRO A 131 16.21 -0.49 14.03
C PRO A 131 16.76 -0.12 12.66
N ALA A 132 18.09 -0.03 12.50
CA ALA A 132 18.66 0.21 11.19
C ALA A 132 18.45 -0.96 10.23
N GLU A 133 18.09 -2.14 10.74
CA GLU A 133 17.79 -3.27 9.87
C GLU A 133 16.50 -3.06 9.10
N PHE A 134 15.60 -2.22 9.60
CA PHE A 134 14.43 -1.82 8.80
C PHE A 134 14.86 -0.96 7.63
N GLU A 135 15.73 0.03 7.88
CA GLU A 135 16.33 0.79 6.78
C GLU A 135 17.17 -0.11 5.88
N HIS A 136 17.75 -1.17 6.44
CA HIS A 136 18.53 -2.11 5.63
C HIS A 136 17.64 -2.91 4.70
N ILE A 137 16.45 -3.31 5.17
CA ILE A 137 15.49 -4.00 4.29
C ILE A 137 15.22 -3.16 3.05
N PHE A 138 15.02 -1.86 3.24
CA PHE A 138 14.89 -0.94 2.12
C PHE A 138 16.12 -1.00 1.21
N ASN A 139 17.30 -0.75 1.78
CA ASN A 139 18.51 -0.63 0.98
C ASN A 139 18.79 -1.89 0.15
N VAL A 140 18.57 -3.07 0.74
CA VAL A 140 18.78 -4.31 0.00
C VAL A 140 17.90 -4.37 -1.23
N HIS A 141 16.63 -3.97 -1.09
CA HIS A 141 15.70 -4.03 -2.23
C HIS A 141 16.12 -3.08 -3.34
N VAL A 142 16.64 -1.91 -2.97
CA VAL A 142 17.19 -0.99 -3.97
C VAL A 142 18.37 -1.64 -4.68
N ARG A 143 19.24 -2.33 -3.92
CA ARG A 143 20.40 -2.96 -4.53
C ARG A 143 20.02 -4.11 -5.45
N GLY A 144 19.04 -4.91 -5.02
CA GLY A 144 18.72 -6.12 -5.77
C GLY A 144 18.05 -5.82 -7.09
N ALA A 145 16.99 -5.02 -7.06
CA ALA A 145 16.33 -4.61 -8.29
C ALA A 145 17.30 -3.96 -9.26
N TYR A 146 18.19 -3.11 -8.74
CA TYR A 146 19.15 -2.41 -9.60
C TYR A 146 20.09 -3.39 -10.28
N PHE A 147 20.72 -4.26 -9.48
CA PHE A 147 21.78 -5.12 -10.01
C PHE A 147 21.21 -6.31 -10.78
N SER A 148 20.02 -6.78 -10.42
CA SER A 148 19.40 -7.86 -11.18
C SER A 148 19.05 -7.41 -12.59
N PHE A 149 18.49 -6.20 -12.73
CA PHE A 149 18.22 -5.66 -14.06
C PHE A 149 19.52 -5.50 -14.85
N ALA A 150 20.56 -4.98 -14.20
CA ALA A 150 21.83 -4.77 -14.87
C ALA A 150 22.38 -6.06 -15.44
N ALA A 151 22.23 -7.16 -14.70
CA ALA A 151 22.74 -8.45 -15.18
C ALA A 151 22.04 -8.84 -16.48
N PHE A 152 20.72 -8.85 -16.49
CA PHE A 152 19.95 -9.33 -17.63
C PHE A 152 19.59 -8.24 -18.63
N LEU A 153 20.07 -7.00 -18.43
CA LEU A 153 19.76 -5.92 -19.35
C LEU A 153 19.99 -6.27 -20.82
N PRO A 154 21.17 -6.76 -21.24
CA PRO A 154 21.28 -7.23 -22.63
C PRO A 154 20.37 -8.41 -22.92
N LEU A 155 20.37 -9.41 -22.05
CA LEU A 155 19.55 -10.61 -22.26
C LEU A 155 18.08 -10.26 -22.47
N LEU A 156 17.58 -9.25 -21.76
CA LEU A 156 16.17 -8.90 -21.87
C LEU A 156 15.86 -8.31 -23.24
N SER A 157 16.77 -7.49 -23.79
CA SER A 157 16.55 -6.92 -25.10
C SER A 157 16.65 -7.96 -26.21
N ALA A 158 17.46 -9.01 -25.99
CA ALA A 158 17.45 -10.14 -26.91
C ALA A 158 16.04 -10.73 -27.03
N GLY A 159 15.28 -10.73 -25.93
CA GLY A 159 13.90 -11.21 -25.98
C GLY A 159 12.98 -10.38 -26.85
N ASN A 160 13.34 -9.12 -27.11
CA ASN A 160 12.63 -8.34 -28.12
C ASN A 160 13.10 -8.69 -29.53
N GLU A 161 14.39 -9.00 -29.69
CA GLU A 161 14.96 -9.25 -31.01
C GLU A 161 14.66 -10.64 -31.52
N LYS A 162 14.54 -11.63 -30.63
CA LYS A 162 14.14 -12.97 -31.07
C LYS A 162 12.67 -13.02 -31.42
N GLY A 163 11.88 -12.06 -30.91
CA GLY A 163 10.50 -11.92 -31.32
C GLY A 163 9.65 -13.14 -31.10
N ASN A 164 9.93 -13.92 -30.06
CA ASN A 164 9.11 -15.08 -29.77
C ASN A 164 7.79 -14.69 -29.15
N VAL A 165 7.67 -13.46 -28.66
CA VAL A 165 6.44 -12.94 -28.09
C VAL A 165 6.26 -11.50 -28.53
N PRO A 166 5.00 -11.08 -28.72
CA PRO A 166 4.76 -9.69 -29.14
C PRO A 166 5.01 -8.66 -28.05
N GLN A 167 4.90 -9.04 -26.79
CA GLN A 167 4.99 -8.06 -25.73
C GLN A 167 6.43 -7.57 -25.61
N SER A 168 6.59 -6.43 -24.95
CA SER A 168 7.94 -5.95 -24.71
C SER A 168 8.57 -6.76 -23.59
N SER A 169 9.90 -6.77 -23.57
CA SER A 169 10.57 -7.42 -22.46
C SER A 169 10.19 -6.70 -21.18
N GLN A 170 10.16 -7.45 -20.08
CA GLN A 170 9.61 -6.92 -18.85
C GLN A 170 10.48 -7.35 -17.67
N MET A 171 10.61 -6.44 -16.72
CA MET A 171 11.23 -6.72 -15.42
C MET A 171 10.18 -6.47 -14.36
N ILE A 172 9.61 -7.53 -13.82
CA ILE A 172 8.70 -7.43 -12.69
C ILE A 172 9.53 -7.55 -11.42
N ILE A 173 9.39 -6.57 -10.52
CA ILE A 173 10.17 -6.51 -9.30
C ILE A 173 9.23 -6.80 -8.13
N THR A 174 9.71 -7.64 -7.22
CA THR A 174 9.00 -7.96 -6.00
C THR A 174 10.01 -8.06 -4.87
N GLY A 175 9.53 -8.40 -3.68
CA GLY A 175 10.44 -8.59 -2.56
C GLY A 175 9.82 -9.39 -1.45
N SER A 176 10.65 -9.70 -0.46
CA SER A 176 10.22 -10.39 0.74
C SER A 176 10.77 -9.68 1.97
N ILE A 177 10.07 -9.85 3.09
CA ILE A 177 10.43 -9.24 4.35
C ILE A 177 11.13 -10.24 5.27
N GLY A 178 11.37 -11.46 4.78
CA GLY A 178 12.05 -12.50 5.53
C GLY A 178 11.34 -12.85 6.83
N ALA A 179 12.14 -13.05 7.88
CA ALA A 179 11.60 -13.45 9.18
C ALA A 179 10.73 -12.37 9.82
N PHE A 180 10.86 -11.12 9.38
CA PHE A 180 10.08 -10.02 9.91
C PHE A 180 8.57 -10.18 9.69
N GLY A 181 8.13 -11.15 8.88
CA GLY A 181 6.71 -11.32 8.67
C GLY A 181 5.93 -11.81 9.88
N ARG A 182 6.59 -12.49 10.82
CA ARG A 182 5.90 -12.97 12.00
C ARG A 182 6.38 -12.27 13.27
N VAL A 183 6.95 -11.08 13.11
CA VAL A 183 7.27 -10.17 14.20
C VAL A 183 6.12 -9.17 14.22
N PRO A 184 5.66 -8.70 15.39
CA PRO A 184 4.53 -7.76 15.40
C PRO A 184 4.75 -6.50 14.58
N LEU A 185 6.00 -6.06 14.38
CA LEU A 185 6.28 -4.91 13.52
C LEU A 185 6.50 -5.33 12.07
N ALA A 186 5.57 -6.11 11.51
CA ALA A 186 5.74 -6.59 10.14
C ALA A 186 5.45 -5.51 9.12
N HIS A 187 4.42 -4.70 9.35
CA HIS A 187 4.09 -3.61 8.44
C HIS A 187 5.27 -2.67 8.22
N TYR A 188 6.03 -2.38 9.28
CA TYR A 188 7.26 -1.62 9.12
C TYR A 188 8.19 -2.27 8.10
N ALA A 189 8.48 -3.56 8.29
CA ALA A 189 9.34 -4.27 7.36
C ALA A 189 8.70 -4.39 5.99
N TYR A 190 7.38 -4.59 5.95
CA TYR A 190 6.66 -4.68 4.67
C TYR A 190 6.85 -3.42 3.84
N SER A 191 6.51 -2.26 4.42
CA SER A 191 6.64 -1.01 3.68
C SER A 191 8.09 -0.67 3.37
N ALA A 192 9.01 -1.01 4.28
CA ALA A 192 10.44 -0.90 3.99
C ALA A 192 10.80 -1.64 2.72
N SER A 193 10.23 -2.84 2.54
CA SER A 193 10.47 -3.60 1.31
C SER A 193 9.70 -2.99 0.15
N LYS A 194 8.44 -2.62 0.37
CA LYS A 194 7.63 -1.99 -0.67
C LYS A 194 8.29 -0.71 -1.19
N ALA A 195 8.75 0.15 -0.29
CA ALA A 195 9.41 1.39 -0.70
C ALA A 195 10.67 1.10 -1.51
N GLY A 196 11.41 0.07 -1.12
CA GLY A 196 12.64 -0.28 -1.84
C GLY A 196 12.39 -0.57 -3.31
N VAL A 197 11.47 -1.48 -3.59
CA VAL A 197 11.26 -1.92 -4.97
C VAL A 197 10.65 -0.80 -5.81
N THR A 198 9.72 -0.02 -5.23
CA THR A 198 9.07 1.03 -6.01
C THR A 198 10.03 2.18 -6.33
N HIS A 199 10.84 2.61 -5.36
CA HIS A 199 11.77 3.71 -5.61
C HIS A 199 12.73 3.36 -6.73
N MET A 200 13.32 2.17 -6.67
CA MET A 200 14.22 1.73 -7.73
C MET A 200 13.47 1.46 -9.03
N ALA A 201 12.24 0.95 -8.94
CA ALA A 201 11.48 0.63 -10.15
C ALA A 201 11.19 1.88 -10.98
N LYS A 202 10.78 2.96 -10.32
CA LYS A 202 10.52 4.20 -11.06
C LYS A 202 11.78 4.77 -11.66
N GLN A 203 12.92 4.56 -10.99
CA GLN A 203 14.19 5.03 -11.56
C GLN A 203 14.57 4.20 -12.78
N LEU A 204 14.32 2.89 -12.73
CA LEU A 204 14.59 2.05 -13.88
C LEU A 204 13.55 2.26 -14.97
N ALA A 205 12.28 2.41 -14.58
CA ALA A 205 11.23 2.66 -15.57
C ALA A 205 11.49 3.94 -16.34
N THR A 206 11.85 5.02 -15.63
CA THR A 206 12.14 6.28 -16.30
C THR A 206 13.34 6.15 -17.23
N ALA A 207 14.38 5.44 -16.80
CA ALA A 207 15.64 5.43 -17.53
C ALA A 207 15.68 4.42 -18.67
N PHE A 208 14.94 3.30 -18.57
CA PHE A 208 15.11 2.19 -19.49
C PHE A 208 13.86 1.77 -20.25
N THR A 209 12.68 2.31 -19.92
CA THR A 209 11.51 2.00 -20.75
C THR A 209 11.67 2.52 -22.16
N LYS A 210 12.46 3.58 -22.34
CA LYS A 210 12.78 4.05 -23.69
C LYS A 210 13.66 3.06 -24.45
N TYR A 211 14.13 2.00 -23.81
CA TYR A 211 14.85 0.93 -24.49
C TYR A 211 13.97 -0.29 -24.76
N GLY A 212 12.65 -0.14 -24.66
CA GLY A 212 11.75 -1.24 -24.91
C GLY A 212 11.69 -2.30 -23.83
N ILE A 213 11.73 -1.89 -22.56
CA ILE A 213 11.70 -2.80 -21.42
C ILE A 213 10.75 -2.18 -20.39
N ARG A 214 9.61 -2.84 -20.15
CA ARG A 214 8.68 -2.35 -19.15
C ARG A 214 9.06 -2.83 -17.76
N PHE A 215 8.82 -1.97 -16.78
CA PHE A 215 9.07 -2.30 -15.39
C PHE A 215 7.74 -2.25 -14.64
N ASN A 216 7.53 -3.23 -13.74
CA ASN A 216 6.31 -3.33 -12.98
C ASN A 216 6.63 -3.93 -11.61
N VAL A 217 5.71 -3.75 -10.67
CA VAL A 217 5.95 -4.14 -9.29
C VAL A 217 4.77 -4.95 -8.78
N ILE A 218 5.06 -6.09 -8.16
CA ILE A 218 4.11 -6.86 -7.36
C ILE A 218 4.61 -6.85 -5.93
N ALA A 219 3.74 -6.50 -5.00
CA ALA A 219 4.13 -6.25 -3.62
C ALA A 219 4.03 -7.52 -2.78
N PRO A 220 4.92 -7.68 -1.77
CA PRO A 220 4.95 -8.84 -0.87
C PRO A 220 3.64 -9.10 -0.12
N GLY A 254 -4.68 -13.05 -0.62
CA GLY A 254 -3.34 -13.41 -1.03
C GLY A 254 -3.23 -14.87 -1.45
N ASN A 255 -4.21 -15.30 -2.23
CA ASN A 255 -4.31 -16.69 -2.63
C ASN A 255 -3.47 -16.92 -3.88
N ASP A 256 -3.08 -18.18 -4.10
CA ASP A 256 -2.32 -18.52 -5.29
C ASP A 256 -3.13 -18.17 -6.54
N GLU A 257 -4.41 -17.91 -6.37
CA GLU A 257 -5.28 -17.57 -7.48
C GLU A 257 -5.08 -16.10 -7.85
N ASP A 258 -4.77 -15.27 -6.85
CA ASP A 258 -4.50 -13.85 -7.07
C ASP A 258 -3.17 -13.65 -7.78
N VAL A 259 -2.14 -14.35 -7.34
CA VAL A 259 -0.81 -14.14 -7.90
C VAL A 259 -0.76 -14.69 -9.32
N ALA A 260 -1.43 -15.81 -9.57
CA ALA A 260 -1.49 -16.36 -10.92
C ALA A 260 -2.16 -15.37 -11.86
N GLY A 261 -3.31 -14.85 -11.47
CA GLY A 261 -3.99 -13.79 -12.21
C GLY A 261 -3.10 -12.63 -12.61
N CYS A 262 -2.46 -12.01 -11.63
CA CYS A 262 -1.55 -10.89 -11.90
C CYS A 262 -0.42 -11.31 -12.82
N ILE A 263 0.42 -12.26 -12.38
CA ILE A 263 1.60 -12.64 -13.16
C ILE A 263 1.23 -13.04 -14.58
N LEU A 264 0.05 -13.64 -14.76
CA LEU A 264 -0.38 -14.03 -16.11
C LEU A 264 -0.98 -12.87 -16.87
N TRP A 265 -1.72 -11.98 -16.18
CA TRP A 265 -2.23 -10.80 -16.87
C TRP A 265 -1.08 -9.87 -17.23
N LEU A 266 -0.06 -9.81 -16.39
CA LEU A 266 1.02 -8.85 -16.58
C LEU A 266 1.95 -9.27 -17.71
N ALA A 267 2.35 -10.54 -17.74
CA ALA A 267 3.33 -11.04 -18.71
C ALA A 267 2.75 -11.34 -20.10
N SER A 268 1.46 -11.64 -20.22
CA SER A 268 0.87 -12.07 -21.48
C SER A 268 0.68 -10.91 -22.45
N LYS A 269 0.13 -11.20 -23.64
CA LYS A 269 -0.22 -10.12 -24.55
C LYS A 269 -1.28 -9.23 -23.93
N ALA A 270 -2.22 -9.82 -23.20
CA ALA A 270 -3.05 -9.00 -22.33
C ALA A 270 -2.08 -8.34 -21.37
N GLY A 271 -2.19 -7.04 -21.21
CA GLY A 271 -1.21 -6.35 -20.40
C GLY A 271 0.12 -6.29 -21.13
N ALA A 272 0.10 -5.80 -22.37
CA ALA A 272 1.32 -5.50 -23.11
C ALA A 272 1.69 -4.04 -22.97
N TRP A 273 0.71 -3.24 -22.58
CA TRP A 273 0.78 -1.79 -22.37
C TRP A 273 0.68 -1.49 -20.87
N VAL A 274 1.27 -2.36 -20.05
CA VAL A 274 1.29 -2.19 -18.61
C VAL A 274 2.73 -1.92 -18.19
N SER A 275 2.99 -0.65 -17.84
CA SER A 275 4.30 -0.19 -17.42
C SER A 275 4.10 0.85 -16.33
N GLY A 276 4.94 0.77 -15.29
CA GLY A 276 4.88 1.71 -14.20
C GLY A 276 3.89 1.39 -13.11
N ASN A 277 3.10 0.33 -13.27
CA ASN A 277 2.13 0.01 -12.25
C ASN A 277 2.80 -0.73 -11.09
N VAL A 278 2.14 -0.68 -9.94
CA VAL A 278 2.56 -1.39 -8.74
C VAL A 278 1.33 -2.10 -8.20
N LEU A 279 1.48 -3.36 -7.83
CA LEU A 279 0.32 -4.21 -7.59
C LEU A 279 0.28 -4.61 -6.12
N VAL A 280 -0.80 -4.25 -5.44
CA VAL A 280 -0.99 -4.54 -4.03
C VAL A 280 -1.64 -5.92 -3.86
N ALA B 10 -17.40 17.06 35.46
CA ALA B 10 -16.74 16.86 36.75
C ALA B 10 -15.22 16.91 36.64
N VAL B 11 -14.64 18.11 36.63
CA VAL B 11 -13.21 18.27 36.36
C VAL B 11 -12.37 17.40 37.29
N ALA B 12 -12.70 17.37 38.58
CA ALA B 12 -11.87 16.62 39.52
C ALA B 12 -11.96 15.12 39.32
N ASP B 13 -13.09 14.63 38.80
CA ASP B 13 -13.26 13.20 38.55
C ASP B 13 -12.91 12.81 37.12
N LEU B 14 -13.20 13.68 36.15
CA LEU B 14 -12.86 13.38 34.76
C LEU B 14 -11.36 13.27 34.59
N PHE B 15 -10.64 14.34 34.96
CA PHE B 15 -9.21 14.41 34.81
C PHE B 15 -8.49 13.79 36.00
N ASN B 16 -8.99 12.67 36.50
CA ASN B 16 -8.38 12.02 37.65
C ASN B 16 -7.15 11.26 37.19
N VAL B 17 -6.00 11.57 37.79
CA VAL B 17 -4.77 10.83 37.57
C VAL B 17 -4.37 10.09 38.83
N ASN B 18 -5.27 10.01 39.82
CA ASN B 18 -4.97 9.39 41.10
C ASN B 18 -4.52 7.95 40.92
N GLY B 19 -3.41 7.60 41.57
CA GLY B 19 -2.87 6.25 41.48
C GLY B 19 -2.38 5.86 40.12
N LEU B 20 -1.89 6.80 39.33
CA LEU B 20 -1.30 6.48 38.04
C LEU B 20 0.19 6.22 38.21
N VAL B 21 0.65 5.09 37.68
CA VAL B 21 2.05 4.72 37.76
C VAL B 21 2.69 5.18 36.45
N ALA B 22 3.32 6.33 36.48
CA ALA B 22 3.98 6.88 35.32
C ALA B 22 5.50 6.68 35.42
N VAL B 23 6.15 6.80 34.26
CA VAL B 23 7.64 6.78 34.24
C VAL B 23 8.08 7.79 33.16
N VAL B 24 8.70 8.90 33.56
CA VAL B 24 9.10 9.96 32.59
C VAL B 24 10.62 9.94 32.44
N THR B 25 11.11 9.84 31.21
CA THR B 25 12.57 9.72 31.00
C THR B 25 13.15 11.10 30.67
N GLY B 26 13.16 12.01 31.65
CA GLY B 26 13.66 13.38 31.41
C GLY B 26 12.90 14.34 32.30
N GLY B 27 12.35 13.83 33.41
CA GLY B 27 11.53 14.66 34.31
C GLY B 27 12.37 15.62 35.12
N ALA B 28 13.63 15.81 34.75
CA ALA B 28 14.48 16.80 35.44
C ALA B 28 15.02 17.75 34.38
N THR B 29 15.23 17.23 33.16
CA THR B 29 15.77 18.05 32.07
C THR B 29 14.88 19.27 31.84
N GLY B 30 13.58 19.04 31.67
CA GLY B 30 12.65 20.14 31.36
C GLY B 30 11.44 19.58 30.64
N ILE B 31 10.32 20.31 30.62
CA ILE B 31 9.05 19.76 30.06
C ILE B 31 8.77 18.50 30.86
N GLY B 32 9.62 17.48 30.75
CA GLY B 32 9.47 16.34 31.62
C GLY B 32 9.16 16.79 33.03
N LEU B 33 9.99 17.71 33.54
CA LEU B 33 9.75 18.29 34.87
C LEU B 33 8.40 18.99 34.90
N MET B 34 8.15 19.90 33.96
CA MET B 34 6.87 20.59 33.92
C MET B 34 5.69 19.63 33.87
N MET B 35 5.88 18.45 33.29
CA MET B 35 4.82 17.46 33.23
C MET B 35 4.86 16.44 34.38
N VAL B 36 6.04 16.07 34.90
CA VAL B 36 6.06 15.22 36.10
C VAL B 36 5.37 15.93 37.25
N ARG B 37 5.52 17.26 37.32
CA ARG B 37 4.89 18.05 38.36
C ARG B 37 3.36 17.97 38.26
N ALA B 38 2.83 18.28 37.08
CA ALA B 38 1.38 18.24 36.88
C ALA B 38 0.80 16.86 37.13
N LEU B 39 1.62 15.82 37.00
CA LEU B 39 1.15 14.45 37.18
C LEU B 39 1.20 13.99 38.64
N GLU B 40 2.30 14.28 39.32
CA GLU B 40 2.43 13.85 40.72
C GLU B 40 1.54 14.68 41.63
N GLU B 41 1.55 16.00 41.44
CA GLU B 41 0.73 16.90 42.24
C GLU B 41 -0.70 16.42 42.30
N ASN B 42 -1.23 15.96 41.18
CA ASN B 42 -2.62 15.55 41.14
C ASN B 42 -2.78 14.05 41.39
N GLY B 43 -1.73 13.42 41.92
CA GLY B 43 -1.75 12.08 42.46
C GLY B 43 -1.33 11.00 41.49
N ALA B 44 -0.08 11.04 41.05
CA ALA B 44 0.44 9.98 40.19
C ALA B 44 1.87 9.74 40.61
N LYS B 45 2.22 8.47 40.80
CA LYS B 45 3.56 8.09 41.21
C LYS B 45 4.46 8.17 40.00
N VAL B 46 5.27 9.21 39.94
CA VAL B 46 6.10 9.53 38.78
C VAL B 46 7.53 9.09 39.10
N TYR B 47 8.00 8.08 38.36
CA TYR B 47 9.40 7.69 38.40
C TYR B 47 10.16 8.60 37.44
N ILE B 48 11.29 9.14 37.88
CA ILE B 48 12.04 10.11 37.10
C ILE B 48 13.40 9.53 36.72
N VAL B 49 13.78 9.73 35.46
CA VAL B 49 15.01 9.23 34.87
C VAL B 49 15.86 10.40 34.40
N GLY B 50 17.17 10.30 34.65
CA GLY B 50 18.17 11.27 34.25
C GLY B 50 19.55 10.70 34.55
N ARG B 51 20.57 11.06 33.77
CA ARG B 51 21.87 10.41 33.93
C ARG B 51 22.76 11.10 34.96
N ARG B 52 22.31 12.17 35.59
CA ARG B 52 23.04 12.85 36.67
C ARG B 52 22.14 12.85 37.90
N LYS B 53 22.28 11.81 38.73
CA LYS B 53 21.28 11.58 39.78
C LYS B 53 21.20 12.73 40.79
N GLU B 54 22.29 13.47 40.99
CA GLU B 54 22.26 14.57 41.96
C GLU B 54 21.09 15.51 41.69
N VAL B 55 20.80 15.77 40.41
CA VAL B 55 19.71 16.68 40.08
C VAL B 55 18.35 16.00 40.16
N LEU B 56 18.25 14.70 39.85
CA LEU B 56 16.96 14.00 39.95
C LEU B 56 16.42 13.98 41.38
N GLU B 57 17.25 13.62 42.36
CA GLU B 57 16.73 13.63 43.72
C GLU B 57 16.56 15.06 44.21
N LYS B 58 17.38 15.98 43.70
CA LYS B 58 17.19 17.40 43.98
C LYS B 58 15.83 17.86 43.48
N VAL B 59 15.44 17.44 42.28
CA VAL B 59 14.09 17.75 41.79
C VAL B 59 13.06 17.18 42.76
N ALA B 60 13.19 15.90 43.10
CA ALA B 60 12.36 15.37 44.17
C ALA B 60 12.69 16.12 45.45
N LYS B 61 11.90 15.87 46.49
CA LYS B 61 12.04 16.55 47.79
C LYS B 61 12.18 18.07 47.64
N ASN B 62 11.88 18.58 46.45
CA ASN B 62 11.80 20.00 46.14
C ASN B 62 10.55 20.36 45.33
N GLU B 63 10.17 19.52 44.35
CA GLU B 63 9.02 19.77 43.48
C GLU B 63 7.86 18.83 43.74
N ALA B 64 8.06 17.81 44.57
CA ALA B 64 6.97 16.93 44.93
C ALA B 64 6.05 17.68 45.88
N LYS B 65 4.81 17.89 45.46
CA LYS B 65 3.85 18.61 46.28
C LYS B 65 3.11 17.66 47.20
N HIS B 66 3.16 16.36 46.90
CA HIS B 66 2.61 15.32 47.75
C HIS B 66 3.68 14.32 48.16
N GLY B 67 4.91 14.47 47.67
CA GLY B 67 6.01 13.59 48.01
C GLY B 67 6.07 12.29 47.23
N ASN B 68 5.52 12.27 46.01
CA ASN B 68 5.50 11.05 45.21
C ASN B 68 6.33 11.18 43.95
N ILE B 69 7.62 11.49 44.08
CA ILE B 69 8.51 11.58 42.92
C ILE B 69 9.75 10.74 43.22
N ILE B 70 10.01 9.74 42.39
CA ILE B 70 11.02 8.73 42.67
C ILE B 70 12.11 8.77 41.61
N PRO B 71 13.28 9.34 41.93
CA PRO B 71 14.40 9.36 40.98
C PRO B 71 15.12 8.02 40.85
N LEU B 72 15.81 7.87 39.73
CA LEU B 72 16.65 6.69 39.47
C LEU B 72 17.67 7.07 38.41
N GLN B 73 18.96 6.92 38.72
CA GLN B 73 20.00 7.32 37.79
C GLN B 73 20.09 6.36 36.60
N GLY B 74 20.13 6.93 35.40
CA GLY B 74 20.27 6.17 34.16
C GLY B 74 20.07 7.01 32.91
N ASP B 75 20.94 6.82 31.92
CA ASP B 75 20.77 7.44 30.60
C ASP B 75 20.02 6.48 29.67
N ALA B 76 19.08 7.03 28.90
CA ALA B 76 18.26 6.23 28.00
C ALA B 76 19.04 5.61 26.84
N SER B 77 20.20 6.16 26.47
CA SER B 77 20.89 5.63 25.29
C SER B 77 21.43 4.23 25.53
N SER B 78 22.12 4.02 26.65
CA SER B 78 22.61 2.69 26.96
C SER B 78 21.45 1.79 27.38
N LYS B 79 21.29 0.67 26.69
CA LYS B 79 20.25 -0.27 27.09
C LYS B 79 20.62 -1.01 28.37
N ASP B 80 21.91 -1.14 28.67
CA ASP B 80 22.30 -1.79 29.92
C ASP B 80 21.73 -1.05 31.11
N ASP B 81 21.68 0.28 31.02
CA ASP B 81 20.94 1.09 31.99
C ASP B 81 19.43 0.82 31.93
N LEU B 82 18.93 0.42 30.76
CA LEU B 82 17.48 0.26 30.58
C LEU B 82 16.94 -0.97 31.32
N GLU B 83 17.60 -2.12 31.18
CA GLU B 83 17.20 -3.28 31.98
C GLU B 83 17.38 -2.99 33.46
N ARG B 84 18.39 -2.19 33.81
CA ARG B 84 18.60 -1.80 35.19
C ARG B 84 17.40 -1.07 35.76
N ILE B 85 16.85 -0.13 34.99
CA ILE B 85 15.83 0.76 35.52
C ILE B 85 14.51 0.01 35.73
N VAL B 86 14.04 -0.72 34.71
CA VAL B 86 12.78 -1.44 34.86
C VAL B 86 12.91 -2.60 35.84
N ALA B 87 14.07 -3.29 35.86
CA ALA B 87 14.25 -4.35 36.85
C ALA B 87 14.00 -3.82 38.26
N HIS B 88 14.48 -2.60 38.53
CA HIS B 88 14.12 -1.96 39.80
C HIS B 88 12.65 -1.56 39.81
N ILE B 89 12.19 -0.90 38.74
CA ILE B 89 10.83 -0.38 38.73
C ILE B 89 9.81 -1.51 38.76
N THR B 90 10.12 -2.65 38.14
CA THR B 90 9.20 -3.79 38.22
C THR B 90 9.15 -4.35 39.63
N LYS B 91 10.20 -4.14 40.44
CA LYS B 91 10.20 -4.71 41.77
C LYS B 91 9.46 -3.85 42.78
N GLU B 92 9.45 -2.53 42.61
CA GLU B 92 8.68 -1.69 43.50
C GLU B 92 7.19 -1.83 43.24
N THR B 93 6.78 -1.79 41.97
CA THR B 93 5.37 -1.85 41.62
C THR B 93 4.97 -3.04 40.76
N GLY B 94 5.80 -3.45 39.80
CA GLY B 94 5.45 -4.57 38.96
C GLY B 94 4.60 -4.23 37.75
N TYR B 95 4.21 -2.97 37.60
CA TYR B 95 3.32 -2.54 36.54
C TYR B 95 3.46 -1.04 36.34
N ILE B 96 3.40 -0.60 35.08
CA ILE B 96 3.39 0.81 34.71
C ILE B 96 2.19 1.06 33.80
N ASN B 97 1.64 2.27 33.89
CA ASN B 97 0.52 2.68 33.07
C ASN B 97 0.90 3.72 32.03
N LEU B 98 1.74 4.69 32.40
CA LEU B 98 2.18 5.74 31.49
C LEU B 98 3.69 5.69 31.33
N LEU B 99 4.15 5.92 30.10
CA LEU B 99 5.57 6.12 29.82
C LEU B 99 5.68 7.39 29.01
N VAL B 100 6.32 8.42 29.57
CA VAL B 100 6.61 9.63 28.82
C VAL B 100 8.10 9.63 28.52
N ALA B 101 8.48 9.01 27.41
CA ALA B 101 9.87 8.89 27.02
C ALA B 101 10.34 10.14 26.29
N ASN B 102 11.50 10.66 26.70
CA ASN B 102 12.15 11.78 26.01
C ASN B 102 13.29 11.18 25.19
N ALA B 103 12.98 10.78 23.96
CA ALA B 103 13.98 10.20 23.08
C ALA B 103 15.12 11.17 22.86
N GLY B 104 16.35 10.68 22.99
CA GLY B 104 17.51 11.53 22.90
C GLY B 104 17.78 12.28 24.19
N ILE B 105 18.09 11.53 25.26
CA ILE B 105 18.52 12.17 26.50
C ILE B 105 19.88 12.85 26.38
N PRO B 106 20.87 12.27 25.71
CA PRO B 106 22.07 13.07 25.38
C PRO B 106 21.73 14.39 24.72
N GLY B 107 20.70 14.40 23.88
CA GLY B 107 20.30 15.61 23.20
C GLY B 107 21.25 16.04 22.10
N PRO B 108 21.99 17.14 22.35
CA PRO B 108 22.95 17.75 21.41
C PRO B 108 24.06 16.78 21.01
N PRO B 115 26.74 31.41 22.88
CA PRO B 115 27.40 32.65 22.49
C PRO B 115 27.09 33.07 21.06
N SER B 116 25.80 33.13 20.70
CA SER B 116 25.39 33.49 19.36
C SER B 116 25.72 34.94 19.02
N SER B 117 26.49 35.64 19.85
CA SER B 117 26.73 37.06 19.63
C SER B 117 27.82 37.21 18.58
N SER B 118 27.58 38.15 17.66
CA SER B 118 28.44 38.47 16.52
C SER B 118 28.37 37.36 15.47
N LEU B 119 28.34 37.77 14.19
CA LEU B 119 28.35 36.83 13.08
C LEU B 119 29.60 35.96 13.07
N ALA B 120 30.73 36.50 13.51
CA ALA B 120 31.99 35.75 13.49
C ALA B 120 31.90 34.52 14.37
N ASP B 121 31.44 34.70 15.62
CA ASP B 121 31.20 33.55 16.49
C ASP B 121 30.27 32.54 15.83
N ILE B 122 29.22 33.04 15.16
CA ILE B 122 28.27 32.16 14.47
C ILE B 122 28.94 31.40 13.33
N GLN B 123 29.84 32.06 12.59
CA GLN B 123 30.52 31.37 11.49
C GLN B 123 31.27 30.16 12.00
N LYS B 124 32.12 30.35 13.01
CA LYS B 124 32.83 29.23 13.60
C LYS B 124 31.87 28.29 14.32
N ASP B 125 30.74 28.81 14.80
CA ASP B 125 29.78 27.98 15.50
C ASP B 125 29.25 26.88 14.59
N LEU B 126 28.78 27.24 13.40
CA LEU B 126 28.36 26.26 12.41
C LEU B 126 29.54 25.61 11.68
N TRP B 127 30.65 26.34 11.53
CA TRP B 127 31.84 25.80 10.87
C TRP B 127 32.25 24.47 11.49
N ASN B 128 32.01 24.30 12.79
CA ASN B 128 32.32 23.07 13.52
C ASN B 128 31.12 22.15 13.74
N THR B 129 29.97 22.49 13.17
CA THR B 129 28.80 21.59 13.21
C THR B 129 28.68 20.88 11.88
N ASP B 130 28.99 19.64 11.92
CA ASP B 130 28.83 18.80 10.77
C ASP B 130 27.36 18.55 10.47
N PRO B 131 26.89 18.79 9.23
CA PRO B 131 25.46 18.64 8.97
C PRO B 131 24.95 17.22 9.16
N ALA B 132 25.81 16.20 9.16
CA ALA B 132 25.32 14.86 9.49
C ALA B 132 24.88 14.75 10.95
N GLU B 133 25.25 15.71 11.79
CA GLU B 133 24.78 15.70 13.17
C GLU B 133 23.29 16.03 13.27
N PHE B 134 22.77 16.79 12.31
CA PHE B 134 21.32 17.01 12.27
C PHE B 134 20.60 15.73 11.88
N GLU B 135 21.08 15.04 10.84
CA GLU B 135 20.53 13.73 10.52
C GLU B 135 20.73 12.76 11.67
N HIS B 136 21.80 12.95 12.45
CA HIS B 136 22.02 12.10 13.62
C HIS B 136 20.99 12.38 14.71
N ILE B 137 20.58 13.65 14.87
CA ILE B 137 19.49 13.98 15.78
C ILE B 137 18.26 13.14 15.46
N PHE B 138 17.96 12.98 14.17
CA PHE B 138 16.89 12.10 13.75
C PHE B 138 17.08 10.68 14.25
N ASN B 139 18.24 10.08 13.90
CA ASN B 139 18.46 8.66 14.14
C ASN B 139 18.33 8.29 15.62
N VAL B 140 18.88 9.11 16.52
CA VAL B 140 18.79 8.80 17.95
C VAL B 140 17.34 8.75 18.41
N HIS B 141 16.51 9.69 17.95
CA HIS B 141 15.13 9.75 18.41
C HIS B 141 14.34 8.54 17.93
N VAL B 142 14.61 8.09 16.71
CA VAL B 142 13.97 6.87 16.21
C VAL B 142 14.38 5.68 17.05
N ARG B 143 15.67 5.61 17.39
CA ARG B 143 16.18 4.50 18.19
C ARG B 143 15.64 4.54 19.61
N GLY B 144 15.51 5.74 20.17
CA GLY B 144 15.16 5.85 21.58
C GLY B 144 13.75 5.38 21.87
N ALA B 145 12.77 5.90 21.13
CA ALA B 145 11.39 5.46 21.30
C ALA B 145 11.27 3.96 21.12
N TYR B 146 12.00 3.40 20.15
CA TYR B 146 11.99 1.97 19.90
C TYR B 146 12.51 1.20 21.12
N PHE B 147 13.67 1.61 21.63
CA PHE B 147 14.27 0.89 22.74
C PHE B 147 13.60 1.25 24.05
N SER B 148 13.05 2.47 24.16
CA SER B 148 12.27 2.81 25.35
C SER B 148 11.00 1.98 25.43
N PHE B 149 10.27 1.87 24.31
CA PHE B 149 9.09 1.00 24.28
C PHE B 149 9.47 -0.46 24.51
N ALA B 150 10.54 -0.92 23.86
CA ALA B 150 10.97 -2.30 24.00
C ALA B 150 11.24 -2.63 25.46
N ALA B 151 11.84 -1.70 26.20
CA ALA B 151 12.13 -1.93 27.61
C ALA B 151 10.85 -2.12 28.42
N PHE B 152 9.92 -1.17 28.31
CA PHE B 152 8.75 -1.15 29.16
C PHE B 152 7.57 -1.93 28.60
N LEU B 153 7.73 -2.61 27.46
CA LEU B 153 6.62 -3.34 26.85
C LEU B 153 5.90 -4.26 27.83
N PRO B 154 6.57 -5.14 28.59
CA PRO B 154 5.82 -5.95 29.57
C PRO B 154 5.15 -5.12 30.66
N LEU B 155 5.91 -4.25 31.33
CA LEU B 155 5.37 -3.45 32.43
C LEU B 155 4.17 -2.63 32.01
N LEU B 156 4.17 -2.10 30.78
CA LEU B 156 3.08 -1.24 30.35
C LEU B 156 1.78 -2.02 30.23
N SER B 157 1.83 -3.23 29.68
CA SER B 157 0.62 -4.05 29.59
C SER B 157 0.25 -4.63 30.95
N ALA B 158 1.25 -4.87 31.82
CA ALA B 158 0.97 -5.22 33.20
C ALA B 158 0.08 -4.18 33.88
N GLY B 159 0.28 -2.91 33.52
CA GLY B 159 -0.60 -1.86 34.02
C GLY B 159 -2.02 -1.98 33.56
N ASN B 160 -2.26 -2.73 32.49
CA ASN B 160 -3.63 -3.07 32.10
C ASN B 160 -4.19 -4.20 32.95
N GLU B 161 -3.33 -5.14 33.37
CA GLU B 161 -3.78 -6.28 34.17
C GLU B 161 -4.00 -5.91 35.63
N LYS B 162 -3.25 -4.93 36.15
CA LYS B 162 -3.54 -4.47 37.51
C LYS B 162 -4.82 -3.68 37.57
N GLY B 163 -5.27 -3.13 36.44
CA GLY B 163 -6.59 -2.53 36.33
C GLY B 163 -6.86 -1.43 37.33
N ASN B 164 -5.81 -0.72 37.74
CA ASN B 164 -5.90 0.38 38.68
C ASN B 164 -6.45 1.65 38.04
N VAL B 165 -6.51 1.70 36.71
CA VAL B 165 -7.06 2.86 36.00
C VAL B 165 -7.95 2.37 34.87
N PRO B 166 -8.99 3.14 34.55
CA PRO B 166 -9.88 2.73 33.46
C PRO B 166 -9.25 2.86 32.08
N GLN B 167 -8.31 3.79 31.92
CA GLN B 167 -7.68 4.06 30.63
C GLN B 167 -6.70 2.95 30.27
N SER B 168 -6.38 2.88 28.99
CA SER B 168 -5.38 1.96 28.48
C SER B 168 -3.97 2.51 28.73
N SER B 169 -3.00 1.60 28.72
CA SER B 169 -1.61 2.00 28.85
C SER B 169 -1.21 2.89 27.69
N GLN B 170 -0.29 3.82 27.96
CA GLN B 170 0.06 4.85 27.00
C GLN B 170 1.55 5.10 27.02
N MET B 171 2.12 5.35 25.85
CA MET B 171 3.49 5.83 25.69
C MET B 171 3.45 7.18 24.99
N ILE B 172 3.66 8.25 25.73
CA ILE B 172 3.79 9.58 25.16
C ILE B 172 5.25 9.79 24.79
N ILE B 173 5.51 10.14 23.54
CA ILE B 173 6.86 10.24 23.03
C ILE B 173 7.19 11.70 22.79
N THR B 174 8.37 12.13 23.25
CA THR B 174 8.87 13.47 23.00
C THR B 174 10.38 13.36 22.81
N GLY B 175 11.02 14.49 22.52
CA GLY B 175 12.46 14.58 22.45
C GLY B 175 12.84 16.05 22.54
N SER B 176 14.13 16.30 22.71
CA SER B 176 14.64 17.66 22.72
C SER B 176 15.88 17.74 21.85
N ILE B 177 16.17 18.96 21.38
CA ILE B 177 17.34 19.18 20.54
C ILE B 177 18.51 19.75 21.34
N GLY B 178 18.33 19.97 22.63
CA GLY B 178 19.45 20.42 23.47
C GLY B 178 20.10 21.69 22.99
N ALA B 179 21.44 21.67 22.96
CA ALA B 179 22.19 22.85 22.57
C ALA B 179 21.91 23.28 21.13
N PHE B 180 21.38 22.38 20.29
CA PHE B 180 21.00 22.78 18.94
C PHE B 180 19.86 23.79 18.93
N GLY B 181 19.21 24.00 20.07
CA GLY B 181 18.20 25.02 20.26
C GLY B 181 18.74 26.42 20.21
N ARG B 182 20.06 26.59 20.24
CA ARG B 182 20.73 27.88 20.31
C ARG B 182 21.35 28.30 18.99
N VAL B 183 21.86 27.36 18.20
CA VAL B 183 22.37 27.61 16.86
C VAL B 183 21.24 28.22 16.02
N PRO B 184 21.53 29.16 15.11
CA PRO B 184 20.45 29.71 14.27
C PRO B 184 19.72 28.65 13.46
N LEU B 185 20.37 27.53 13.18
CA LEU B 185 19.80 26.38 12.48
C LEU B 185 19.12 25.43 13.44
N ALA B 186 18.25 25.98 14.30
CA ALA B 186 17.58 25.15 15.29
C ALA B 186 16.39 24.40 14.68
N HIS B 187 15.64 25.08 13.81
CA HIS B 187 14.50 24.45 13.15
C HIS B 187 14.93 23.17 12.43
N TYR B 188 16.13 23.18 11.83
CA TYR B 188 16.70 21.94 11.30
C TYR B 188 16.73 20.85 12.36
N ALA B 189 17.31 21.17 13.51
CA ALA B 189 17.37 20.18 14.58
C ALA B 189 15.99 19.85 15.13
N TYR B 190 15.14 20.87 15.25
CA TYR B 190 13.77 20.64 15.73
C TYR B 190 13.05 19.65 14.82
N SER B 191 13.05 19.93 13.50
CA SER B 191 12.40 19.03 12.55
C SER B 191 13.11 17.68 12.49
N ALA B 192 14.44 17.68 12.63
CA ALA B 192 15.17 16.41 12.76
C ALA B 192 14.63 15.57 13.91
N SER B 193 14.36 16.20 15.06
CA SER B 193 13.78 15.49 16.19
C SER B 193 12.28 15.25 15.98
N LYS B 194 11.55 16.25 15.50
CA LYS B 194 10.12 16.10 15.27
C LYS B 194 9.82 14.95 14.32
N ALA B 195 10.51 14.91 13.18
CA ALA B 195 10.33 13.80 12.24
C ALA B 195 10.75 12.47 12.87
N GLY B 196 11.80 12.50 13.68
CA GLY B 196 12.32 11.31 14.33
C GLY B 196 11.33 10.60 15.22
N VAL B 197 10.76 11.32 16.19
CA VAL B 197 9.87 10.68 17.16
C VAL B 197 8.58 10.23 16.49
N THR B 198 8.05 11.03 15.55
CA THR B 198 6.79 10.68 14.89
C THR B 198 6.94 9.47 13.98
N HIS B 199 8.05 9.37 13.24
CA HIS B 199 8.25 8.23 12.36
C HIS B 199 8.19 6.92 13.13
N MET B 200 8.91 6.83 14.24
CA MET B 200 8.88 5.62 15.04
C MET B 200 7.53 5.44 15.72
N ALA B 201 6.89 6.54 16.12
CA ALA B 201 5.60 6.44 16.79
C ALA B 201 4.55 5.82 15.89
N LYS B 202 4.53 6.20 14.61
CA LYS B 202 3.56 5.63 13.68
C LYS B 202 3.78 4.14 13.49
N GLN B 203 5.04 3.69 13.52
CA GLN B 203 5.32 2.26 13.39
C GLN B 203 4.88 1.49 14.63
N LEU B 204 5.05 2.09 15.81
CA LEU B 204 4.64 1.42 17.05
C LEU B 204 3.13 1.41 17.21
N ALA B 205 2.47 2.50 16.84
CA ALA B 205 1.01 2.57 16.98
C ALA B 205 0.32 1.51 16.14
N THR B 206 0.67 1.40 14.87
CA THR B 206 0.04 0.39 14.01
C THR B 206 0.32 -1.01 14.51
N ALA B 207 1.55 -1.27 14.95
CA ALA B 207 1.96 -2.62 15.28
C ALA B 207 1.58 -3.02 16.70
N PHE B 208 1.47 -2.06 17.62
CA PHE B 208 1.33 -2.39 19.04
C PHE B 208 0.06 -1.84 19.69
N THR B 209 -0.69 -0.96 19.02
CA THR B 209 -1.99 -0.58 19.58
C THR B 209 -2.94 -1.79 19.60
N LYS B 210 -2.73 -2.75 18.69
CA LYS B 210 -3.48 -3.99 18.74
C LYS B 210 -3.16 -4.83 19.98
N TYR B 211 -2.16 -4.41 20.77
CA TYR B 211 -1.88 -4.98 22.09
C TYR B 211 -2.39 -4.10 23.23
N GLY B 212 -3.37 -3.23 22.96
CA GLY B 212 -3.95 -2.38 23.98
C GLY B 212 -3.06 -1.31 24.57
N ILE B 213 -2.26 -0.64 23.73
CA ILE B 213 -1.35 0.42 24.18
C ILE B 213 -1.44 1.56 23.18
N ARG B 214 -1.94 2.72 23.62
CA ARG B 214 -2.00 3.90 22.75
C ARG B 214 -0.69 4.65 22.79
N PHE B 215 -0.31 5.20 21.65
CA PHE B 215 0.90 6.01 21.50
C PHE B 215 0.50 7.43 21.11
N ASN B 216 1.19 8.41 21.68
CA ASN B 216 0.91 9.81 21.39
C ASN B 216 2.20 10.59 21.47
N VAL B 217 2.22 11.76 20.83
CA VAL B 217 3.42 12.58 20.69
C VAL B 217 3.07 14.03 21.03
N ILE B 218 3.92 14.66 21.84
CA ILE B 218 3.88 16.11 22.05
C ILE B 218 5.17 16.69 21.50
N ALA B 219 5.06 17.64 20.57
CA ALA B 219 6.27 18.17 19.95
C ALA B 219 6.66 19.49 20.61
N PRO B 220 7.97 19.76 20.74
CA PRO B 220 8.48 21.02 21.31
C PRO B 220 7.98 22.26 20.56
N GLY B 254 6.01 26.52 25.60
CA GLY B 254 6.89 26.22 26.71
C GLY B 254 6.34 26.71 28.04
N ASN B 255 5.02 26.80 28.13
CA ASN B 255 4.41 27.36 29.32
C ASN B 255 4.15 26.24 30.32
N ASP B 256 4.11 26.59 31.60
CA ASP B 256 3.89 25.56 32.61
C ASP B 256 2.50 24.95 32.55
N GLU B 257 1.52 25.65 31.96
CA GLU B 257 0.16 25.15 31.88
C GLU B 257 -0.26 24.58 30.53
N ASP B 258 0.29 25.07 29.42
CA ASP B 258 -0.10 24.50 28.13
C ASP B 258 0.34 23.05 28.04
N VAL B 259 1.54 22.77 28.51
CA VAL B 259 2.04 21.40 28.53
C VAL B 259 1.30 20.59 29.61
N ALA B 260 1.01 21.23 30.74
CA ALA B 260 0.24 20.58 31.80
C ALA B 260 -1.15 20.19 31.29
N GLY B 261 -1.82 21.13 30.63
CA GLY B 261 -3.07 20.84 29.95
C GLY B 261 -3.01 19.56 29.15
N CYS B 262 -2.01 19.46 28.28
CA CYS B 262 -1.84 18.25 27.47
C CYS B 262 -1.66 17.02 28.34
N ILE B 263 -0.56 16.95 29.10
CA ILE B 263 -0.21 15.74 29.85
C ILE B 263 -1.37 15.25 30.71
N LEU B 264 -2.18 16.17 31.23
CA LEU B 264 -3.30 15.77 32.07
C LEU B 264 -4.51 15.33 31.25
N TRP B 265 -4.76 15.97 30.11
CA TRP B 265 -5.90 15.56 29.28
C TRP B 265 -5.68 14.18 28.68
N LEU B 266 -4.43 13.88 28.26
CA LEU B 266 -4.11 12.58 27.66
C LEU B 266 -3.98 11.49 28.71
N ALA B 267 -3.30 11.76 29.82
CA ALA B 267 -3.08 10.70 30.80
C ALA B 267 -4.34 10.36 31.57
N SER B 268 -5.30 11.28 31.64
CA SER B 268 -6.54 10.98 32.34
C SER B 268 -7.42 10.08 31.47
N LYS B 269 -8.55 9.66 32.06
CA LYS B 269 -9.57 8.94 31.30
C LYS B 269 -10.23 9.81 30.23
N ALA B 270 -10.18 11.14 30.39
CA ALA B 270 -10.65 12.02 29.33
C ALA B 270 -9.97 11.67 28.00
N GLY B 271 -8.65 11.53 28.03
CA GLY B 271 -7.91 11.14 26.84
C GLY B 271 -7.72 9.64 26.82
N ALA B 272 -8.82 8.89 26.85
CA ALA B 272 -8.77 7.44 26.76
C ALA B 272 -8.95 6.90 25.35
N TRP B 273 -9.62 7.64 24.47
CA TRP B 273 -9.82 7.22 23.09
C TRP B 273 -9.05 8.10 22.12
N VAL B 274 -7.90 8.59 22.55
CA VAL B 274 -7.02 9.41 21.71
C VAL B 274 -5.73 8.62 21.51
N SER B 275 -5.54 8.12 20.30
CA SER B 275 -4.36 7.34 19.94
C SER B 275 -3.92 7.76 18.54
N GLY B 276 -2.61 7.91 18.37
CA GLY B 276 -2.06 8.28 17.10
C GLY B 276 -1.99 9.78 16.86
N ASN B 277 -2.50 10.59 17.79
CA ASN B 277 -2.52 12.04 17.64
C ASN B 277 -1.16 12.64 18.00
N VAL B 278 -0.96 13.87 17.53
CA VAL B 278 0.27 14.63 17.75
C VAL B 278 -0.10 16.04 18.22
N LEU B 279 0.71 16.60 19.12
CA LEU B 279 0.35 17.83 19.80
C LEU B 279 1.52 18.80 19.95
N VAL B 280 1.30 20.04 19.54
CA VAL B 280 2.32 21.09 19.67
C VAL B 280 2.24 21.71 21.06
N PRO C 7 -8.46 -27.53 -13.44
CA PRO C 7 -7.10 -26.95 -13.45
C PRO C 7 -7.11 -25.52 -12.93
N SER C 8 -6.55 -25.34 -11.73
CA SER C 8 -6.79 -24.11 -10.98
C SER C 8 -6.16 -22.89 -11.64
N LEU C 9 -4.90 -22.97 -12.04
CA LEU C 9 -4.23 -21.78 -12.54
C LEU C 9 -3.96 -21.83 -14.04
N ALA C 10 -4.58 -22.78 -14.74
CA ALA C 10 -4.69 -22.71 -16.20
C ALA C 10 -5.56 -21.54 -16.60
N VAL C 11 -5.06 -20.73 -17.54
CA VAL C 11 -5.72 -19.46 -17.90
C VAL C 11 -7.20 -19.67 -18.21
N ALA C 12 -7.55 -20.78 -18.87
CA ALA C 12 -8.93 -20.97 -19.28
C ALA C 12 -9.87 -21.08 -18.08
N ASP C 13 -9.34 -21.52 -16.94
CA ASP C 13 -10.12 -21.60 -15.71
C ASP C 13 -9.97 -20.36 -14.84
N LEU C 14 -8.79 -19.73 -14.83
CA LEU C 14 -8.57 -18.55 -13.98
C LEU C 14 -9.43 -17.37 -14.45
N PHE C 15 -9.19 -16.91 -15.67
CA PHE C 15 -9.92 -15.75 -16.21
C PHE C 15 -11.23 -16.17 -16.85
N ASN C 16 -11.93 -17.10 -16.22
CA ASN C 16 -13.18 -17.62 -16.74
C ASN C 16 -14.33 -16.70 -16.39
N VAL C 17 -15.09 -16.29 -17.40
CA VAL C 17 -16.33 -15.56 -17.21
C VAL C 17 -17.52 -16.39 -17.68
N ASN C 18 -17.33 -17.69 -17.87
CA ASN C 18 -18.39 -18.53 -18.42
C ASN C 18 -19.65 -18.47 -17.54
N GLY C 19 -20.78 -18.21 -18.19
CA GLY C 19 -22.05 -18.10 -17.49
C GLY C 19 -22.15 -16.91 -16.55
N LEU C 20 -21.45 -15.82 -16.84
CA LEU C 20 -21.52 -14.58 -16.08
C LEU C 20 -22.58 -13.66 -16.68
N VAL C 21 -23.47 -13.14 -15.84
CA VAL C 21 -24.56 -12.27 -16.26
C VAL C 21 -24.13 -10.81 -16.03
N ALA C 22 -23.69 -10.14 -17.10
CA ALA C 22 -23.27 -8.75 -17.06
C ALA C 22 -24.35 -7.82 -17.63
N VAL C 23 -24.24 -6.54 -17.27
CA VAL C 23 -25.09 -5.48 -17.83
C VAL C 23 -24.19 -4.27 -18.13
N VAL C 24 -24.12 -3.89 -19.39
CA VAL C 24 -23.22 -2.83 -19.87
C VAL C 24 -24.07 -1.66 -20.37
N THR C 25 -23.94 -0.51 -19.72
CA THR C 25 -24.62 0.69 -20.21
C THR C 25 -23.87 1.26 -21.41
N GLY C 26 -24.63 1.87 -22.31
CA GLY C 26 -24.15 2.45 -23.58
C GLY C 26 -24.08 1.49 -24.75
N GLY C 27 -23.82 0.22 -24.46
CA GLY C 27 -23.74 -0.82 -25.49
C GLY C 27 -22.45 -0.69 -26.32
N ALA C 28 -22.59 -0.23 -27.55
CA ALA C 28 -21.42 -0.05 -28.42
C ALA C 28 -20.42 0.90 -27.77
N THR C 29 -20.87 2.08 -27.35
CA THR C 29 -20.04 3.04 -26.64
C THR C 29 -18.74 3.29 -27.40
N GLY C 30 -17.62 2.87 -26.80
CA GLY C 30 -16.30 2.95 -27.38
C GLY C 30 -15.56 1.78 -26.78
N ILE C 31 -15.33 1.86 -25.47
CA ILE C 31 -14.73 0.75 -24.74
C ILE C 31 -15.77 -0.32 -24.46
N GLY C 32 -17.02 0.07 -24.19
CA GLY C 32 -18.07 -0.89 -23.89
C GLY C 32 -18.15 -2.04 -24.89
N LEU C 33 -18.14 -1.71 -26.18
CA LEU C 33 -18.08 -2.77 -27.19
C LEU C 33 -16.84 -3.63 -26.99
N MET C 34 -15.67 -2.98 -26.88
CA MET C 34 -14.42 -3.68 -26.65
C MET C 34 -14.49 -4.61 -25.44
N MET C 35 -15.33 -4.28 -24.45
CA MET C 35 -15.54 -5.13 -23.28
C MET C 35 -16.67 -6.13 -23.50
N VAL C 36 -17.75 -5.70 -24.16
CA VAL C 36 -18.86 -6.61 -24.45
C VAL C 36 -18.38 -7.76 -25.33
N ARG C 37 -17.49 -7.47 -26.27
CA ARG C 37 -16.93 -8.53 -27.11
C ARG C 37 -16.13 -9.52 -26.27
N ALA C 38 -15.19 -9.00 -25.47
CA ALA C 38 -14.34 -9.86 -24.64
C ALA C 38 -15.14 -10.65 -23.61
N LEU C 39 -16.32 -10.17 -23.22
CA LEU C 39 -17.07 -10.86 -22.17
C LEU C 39 -17.96 -11.97 -22.72
N GLU C 40 -18.69 -11.71 -23.81
CA GLU C 40 -19.55 -12.76 -24.36
C GLU C 40 -18.72 -13.83 -25.06
N GLU C 41 -17.71 -13.43 -25.84
CA GLU C 41 -16.87 -14.37 -26.56
C GLU C 41 -16.40 -15.50 -25.66
N ASN C 42 -16.08 -15.18 -24.41
CA ASN C 42 -15.67 -16.18 -23.43
C ASN C 42 -16.85 -16.69 -22.61
N GLY C 43 -18.07 -16.45 -23.05
CA GLY C 43 -19.25 -17.13 -22.51
C GLY C 43 -19.95 -16.38 -21.39
N ALA C 44 -20.53 -15.23 -21.69
CA ALA C 44 -21.22 -14.46 -20.67
C ALA C 44 -22.46 -13.79 -21.24
N LYS C 45 -23.53 -13.80 -20.46
CA LYS C 45 -24.79 -13.15 -20.82
C LYS C 45 -24.61 -11.66 -20.64
N VAL C 46 -24.44 -10.95 -21.75
CA VAL C 46 -24.18 -9.52 -21.74
C VAL C 46 -25.45 -8.81 -22.17
N TYR C 47 -26.10 -8.14 -21.22
CA TYR C 47 -27.18 -7.22 -21.55
C TYR C 47 -26.55 -5.87 -21.86
N ILE C 48 -26.95 -5.28 -22.99
CA ILE C 48 -26.42 -4.00 -23.42
C ILE C 48 -27.59 -3.02 -23.45
N VAL C 49 -27.37 -1.84 -22.90
CA VAL C 49 -28.41 -0.83 -22.76
C VAL C 49 -28.00 0.41 -23.54
N GLY C 50 -28.97 1.01 -24.24
CA GLY C 50 -28.72 2.22 -25.05
C GLY C 50 -30.03 2.83 -25.50
N ARG C 51 -30.04 3.99 -25.93
CA ARG C 51 -31.25 4.70 -26.29
C ARG C 51 -31.55 4.59 -27.77
N ARG C 52 -30.62 4.00 -28.55
CA ARG C 52 -30.75 3.85 -29.99
C ARG C 52 -30.73 2.35 -30.30
N LYS C 53 -31.91 1.74 -30.41
CA LYS C 53 -31.97 0.28 -30.46
C LYS C 53 -31.26 -0.30 -31.67
N GLU C 54 -31.26 0.41 -32.81
CA GLU C 54 -30.62 -0.12 -34.01
C GLU C 54 -29.14 -0.43 -33.78
N VAL C 55 -28.44 0.39 -32.99
CA VAL C 55 -27.03 0.08 -32.74
C VAL C 55 -26.92 -1.03 -31.71
N LEU C 56 -27.86 -1.12 -30.77
CA LEU C 56 -27.89 -2.27 -29.87
C LEU C 56 -28.10 -3.55 -30.65
N GLU C 57 -28.99 -3.50 -31.65
CA GLU C 57 -29.25 -4.67 -32.48
C GLU C 57 -28.07 -5.01 -33.38
N LYS C 58 -27.35 -3.99 -33.85
CA LYS C 58 -26.16 -4.23 -34.65
C LYS C 58 -25.09 -4.97 -33.85
N VAL C 59 -24.84 -4.49 -32.62
CA VAL C 59 -23.85 -5.12 -31.75
C VAL C 59 -24.23 -6.57 -31.45
N ALA C 60 -25.49 -6.80 -31.08
CA ALA C 60 -25.95 -8.14 -30.69
C ALA C 60 -25.83 -9.20 -31.78
N LYS C 61 -25.71 -8.82 -33.06
CA LYS C 61 -25.75 -9.85 -34.10
C LYS C 61 -24.70 -9.65 -35.19
N ASN C 62 -23.65 -8.89 -34.90
CA ASN C 62 -22.51 -8.71 -35.79
C ASN C 62 -21.20 -8.99 -35.08
N GLU C 63 -21.12 -8.70 -33.78
CA GLU C 63 -19.93 -8.95 -32.99
C GLU C 63 -20.12 -10.09 -32.00
N ALA C 64 -21.34 -10.61 -31.85
CA ALA C 64 -21.61 -11.73 -30.95
C ALA C 64 -21.08 -13.02 -31.55
N LYS C 65 -20.15 -13.67 -30.85
CA LYS C 65 -19.57 -14.92 -31.33
C LYS C 65 -20.27 -16.17 -30.81
N HIS C 66 -21.01 -16.07 -29.71
CA HIS C 66 -21.84 -17.17 -29.24
C HIS C 66 -23.31 -16.80 -29.14
N GLY C 67 -23.67 -15.56 -29.47
CA GLY C 67 -25.07 -15.17 -29.48
C GLY C 67 -25.66 -14.82 -28.14
N ASN C 68 -24.89 -14.20 -27.24
CA ASN C 68 -25.37 -13.90 -25.91
C ASN C 68 -25.53 -12.40 -25.64
N ILE C 69 -25.27 -11.55 -26.61
CA ILE C 69 -25.51 -10.11 -26.41
C ILE C 69 -27.00 -9.87 -26.55
N ILE C 70 -27.60 -9.33 -25.49
CA ILE C 70 -29.05 -9.17 -25.38
C ILE C 70 -29.34 -7.67 -25.35
N PRO C 71 -29.89 -7.10 -26.42
CA PRO C 71 -30.14 -5.66 -26.42
C PRO C 71 -31.28 -5.32 -25.47
N LEU C 72 -31.25 -4.07 -25.00
CA LEU C 72 -32.30 -3.56 -24.13
C LEU C 72 -32.31 -2.05 -24.29
N GLN C 73 -33.37 -1.52 -24.89
CA GLN C 73 -33.44 -0.05 -25.14
C GLN C 73 -33.76 0.66 -23.83
N GLY C 74 -33.11 1.80 -23.61
CA GLY C 74 -33.39 2.58 -22.39
C GLY C 74 -32.41 3.71 -22.19
N ASP C 75 -32.89 4.85 -21.71
CA ASP C 75 -31.98 5.97 -21.39
C ASP C 75 -31.57 5.81 -19.92
N ALA C 76 -30.29 5.62 -19.66
CA ALA C 76 -29.85 5.54 -18.24
C ALA C 76 -30.28 6.82 -17.54
N SER C 77 -30.03 7.98 -18.15
CA SER C 77 -30.52 9.24 -17.55
C SER C 77 -31.99 9.06 -17.21
N SER C 78 -32.76 8.48 -18.13
CA SER C 78 -34.18 8.32 -17.88
C SER C 78 -34.39 7.40 -16.69
N LYS C 79 -35.17 7.90 -15.72
CA LYS C 79 -35.35 7.20 -14.46
C LYS C 79 -36.24 5.96 -14.58
N ASP C 80 -37.47 6.15 -15.06
CA ASP C 80 -38.40 5.02 -15.16
C ASP C 80 -37.92 3.98 -16.15
N ASP C 81 -37.19 4.38 -17.19
CA ASP C 81 -36.58 3.40 -18.07
C ASP C 81 -35.66 2.46 -17.31
N LEU C 82 -35.05 2.95 -16.22
CA LEU C 82 -34.21 2.07 -15.42
C LEU C 82 -35.06 1.07 -14.63
N GLU C 83 -36.20 1.53 -14.10
CA GLU C 83 -37.14 0.62 -13.46
C GLU C 83 -37.63 -0.43 -14.45
N ARG C 84 -37.81 -0.04 -15.72
CA ARG C 84 -38.25 -0.99 -16.74
C ARG C 84 -37.20 -2.08 -16.96
N ILE C 85 -35.94 -1.69 -17.11
CA ILE C 85 -34.88 -2.64 -17.44
C ILE C 85 -34.60 -3.56 -16.26
N VAL C 86 -34.62 -3.04 -15.03
CA VAL C 86 -34.47 -3.94 -13.89
C VAL C 86 -35.67 -4.87 -13.79
N ALA C 87 -36.87 -4.36 -14.09
CA ALA C 87 -38.06 -5.21 -14.15
C ALA C 87 -37.90 -6.32 -15.19
N HIS C 88 -37.31 -6.01 -16.34
CA HIS C 88 -37.14 -7.02 -17.38
C HIS C 88 -36.15 -8.11 -16.97
N ILE C 89 -34.96 -7.71 -16.51
CA ILE C 89 -33.93 -8.69 -16.20
C ILE C 89 -34.30 -9.54 -14.98
N THR C 90 -35.02 -8.96 -14.01
CA THR C 90 -35.41 -9.74 -12.83
C THR C 90 -36.37 -10.86 -13.20
N LYS C 91 -37.16 -10.66 -14.27
CA LYS C 91 -38.11 -11.67 -14.69
C LYS C 91 -37.48 -12.66 -15.67
N GLU C 92 -36.57 -12.20 -16.53
CA GLU C 92 -35.92 -13.08 -17.50
C GLU C 92 -34.84 -13.93 -16.84
N THR C 93 -33.95 -13.31 -16.07
CA THR C 93 -32.81 -13.97 -15.45
C THR C 93 -32.83 -13.90 -13.93
N GLY C 94 -33.26 -12.78 -13.35
CA GLY C 94 -33.41 -12.64 -11.92
C GLY C 94 -32.17 -12.23 -11.16
N TYR C 95 -31.02 -12.14 -11.82
CA TYR C 95 -29.77 -11.85 -11.11
C TYR C 95 -28.75 -11.39 -12.13
N ILE C 96 -27.89 -10.47 -11.71
CA ILE C 96 -26.73 -10.07 -12.49
C ILE C 96 -25.52 -10.18 -11.59
N ASN C 97 -24.36 -10.43 -12.20
CA ASN C 97 -23.10 -10.51 -11.49
C ASN C 97 -22.21 -9.31 -11.74
N LEU C 98 -22.20 -8.78 -12.96
CA LEU C 98 -21.40 -7.62 -13.31
C LEU C 98 -22.30 -6.47 -13.75
N LEU C 99 -21.92 -5.26 -13.37
CA LEU C 99 -22.53 -4.03 -13.89
C LEU C 99 -21.41 -3.15 -14.39
N VAL C 100 -21.38 -2.91 -15.70
CA VAL C 100 -20.40 -1.99 -16.27
C VAL C 100 -21.13 -0.72 -16.65
N ALA C 101 -21.25 0.21 -15.70
CA ALA C 101 -21.95 1.45 -15.95
C ALA C 101 -21.01 2.45 -16.61
N ASN C 102 -21.47 3.04 -17.72
CA ASN C 102 -20.75 4.12 -18.38
C ASN C 102 -21.43 5.42 -17.99
N ALA C 103 -21.00 5.96 -16.86
CA ALA C 103 -21.56 7.21 -16.39
C ALA C 103 -21.29 8.29 -17.44
N GLY C 104 -22.37 8.97 -17.85
CA GLY C 104 -22.30 9.94 -18.91
C GLY C 104 -22.29 9.40 -20.31
N ILE C 105 -22.88 8.24 -20.56
CA ILE C 105 -23.20 7.82 -21.92
C ILE C 105 -24.43 8.64 -22.29
N PRO C 106 -25.46 8.80 -21.37
CA PRO C 106 -26.46 9.86 -21.52
C PRO C 106 -25.97 11.23 -21.05
N GLY C 107 -24.73 11.59 -21.43
CA GLY C 107 -24.14 12.82 -20.97
C GLY C 107 -23.65 13.75 -22.05
N PRO C 108 -22.33 13.90 -22.16
CA PRO C 108 -21.76 14.82 -23.16
C PRO C 108 -22.12 14.41 -24.57
N ALA C 109 -22.24 15.42 -25.43
CA ALA C 109 -22.65 15.21 -26.82
C ALA C 109 -21.67 14.28 -27.53
N PRO C 110 -22.04 13.07 -28.02
CA PRO C 110 -21.06 12.16 -28.60
C PRO C 110 -20.61 12.60 -30.00
N ILE C 111 -21.05 13.77 -30.45
CA ILE C 111 -20.72 14.20 -31.85
C ILE C 111 -20.64 15.73 -31.92
N LYS C 112 -19.70 16.25 -32.72
CA LYS C 112 -19.58 17.73 -32.92
C LYS C 112 -19.75 18.03 -34.42
N MET C 113 -20.81 18.73 -34.80
CA MET C 113 -21.08 19.02 -36.23
C MET C 113 -19.98 19.92 -36.78
N SER C 114 -19.62 20.96 -36.04
CA SER C 114 -18.56 21.91 -36.49
C SER C 114 -17.23 21.17 -36.65
N PRO C 115 -16.27 21.65 -37.48
CA PRO C 115 -14.96 21.01 -37.58
C PRO C 115 -14.12 21.36 -36.36
N SER C 116 -12.80 21.13 -36.43
CA SER C 116 -11.90 21.45 -35.32
C SER C 116 -10.47 21.69 -35.79
N SER C 117 -10.23 21.80 -37.09
CA SER C 117 -8.86 21.88 -37.58
C SER C 117 -8.34 23.31 -37.65
N SER C 118 -8.98 24.16 -38.45
CA SER C 118 -8.52 25.53 -38.57
C SER C 118 -8.64 26.25 -37.23
N LEU C 119 -7.73 27.21 -37.03
CA LEU C 119 -7.74 28.03 -35.81
C LEU C 119 -9.10 28.69 -35.59
N ALA C 120 -9.78 29.09 -36.67
CA ALA C 120 -11.11 29.66 -36.54
C ALA C 120 -12.13 28.65 -36.02
N ASP C 121 -12.14 27.44 -36.60
CA ASP C 121 -13.00 26.37 -36.11
C ASP C 121 -12.78 26.11 -34.62
N ILE C 122 -11.52 26.14 -34.20
CA ILE C 122 -11.19 25.99 -32.79
C ILE C 122 -11.75 27.16 -31.98
N GLN C 123 -11.66 28.38 -32.52
CA GLN C 123 -12.15 29.55 -31.79
C GLN C 123 -13.65 29.47 -31.53
N LYS C 124 -14.46 29.20 -32.56
CA LYS C 124 -15.90 29.13 -32.34
C LYS C 124 -16.27 27.93 -31.47
N ASP C 125 -15.50 26.84 -31.53
CA ASP C 125 -15.78 25.70 -30.66
C ASP C 125 -15.60 26.09 -29.20
N LEU C 126 -14.58 26.89 -28.91
CA LEU C 126 -14.41 27.41 -27.57
C LEU C 126 -15.48 28.44 -27.26
N TRP C 127 -15.87 29.22 -28.28
CA TRP C 127 -16.80 30.31 -28.06
C TRP C 127 -18.16 29.80 -27.61
N ASN C 128 -18.59 28.65 -28.14
CA ASN C 128 -19.87 28.04 -27.83
C ASN C 128 -19.76 26.97 -26.76
N THR C 129 -18.56 26.78 -26.20
CA THR C 129 -18.38 25.90 -25.05
C THR C 129 -18.26 26.77 -23.81
N ASP C 130 -19.31 26.81 -23.03
CA ASP C 130 -19.27 27.52 -21.77
C ASP C 130 -18.42 26.72 -20.79
N PRO C 131 -17.45 27.33 -20.11
CA PRO C 131 -16.53 26.54 -19.26
C PRO C 131 -17.24 25.78 -18.16
N ALA C 132 -18.46 26.16 -17.80
CA ALA C 132 -19.23 25.40 -16.84
C ALA C 132 -19.64 24.03 -17.37
N GLU C 133 -19.57 23.82 -18.68
CA GLU C 133 -19.89 22.50 -19.23
C GLU C 133 -18.85 21.45 -18.86
N PHE C 134 -17.62 21.87 -18.56
CA PHE C 134 -16.63 20.92 -18.07
C PHE C 134 -16.96 20.42 -16.67
N GLU C 135 -17.27 21.34 -15.75
CA GLU C 135 -17.75 20.90 -14.43
C GLU C 135 -19.07 20.15 -14.54
N HIS C 136 -19.88 20.45 -15.57
CA HIS C 136 -21.11 19.68 -15.77
C HIS C 136 -20.81 18.24 -16.15
N ILE C 137 -19.74 18.02 -16.92
CA ILE C 137 -19.28 16.66 -17.20
C ILE C 137 -19.03 15.90 -15.91
N PHE C 138 -18.41 16.56 -14.93
CA PHE C 138 -18.22 15.98 -13.61
C PHE C 138 -19.55 15.52 -13.01
N ASN C 139 -20.48 16.46 -12.85
CA ASN C 139 -21.76 16.15 -12.21
C ASN C 139 -22.48 15.03 -12.95
N VAL C 140 -22.40 15.03 -14.29
CA VAL C 140 -23.06 13.99 -15.07
C VAL C 140 -22.54 12.61 -14.68
N HIS C 141 -21.22 12.47 -14.59
CA HIS C 141 -20.65 11.17 -14.24
C HIS C 141 -20.92 10.80 -12.79
N VAL C 142 -20.85 11.78 -11.87
CA VAL C 142 -21.16 11.50 -10.47
C VAL C 142 -22.62 11.08 -10.33
N ARG C 143 -23.50 11.74 -11.05
CA ARG C 143 -24.93 11.52 -10.96
C ARG C 143 -25.31 10.16 -11.50
N GLY C 144 -24.68 9.77 -12.61
CA GLY C 144 -25.06 8.56 -13.31
C GLY C 144 -24.67 7.31 -12.54
N ALA C 145 -23.41 7.23 -12.12
CA ALA C 145 -22.94 6.09 -11.34
C ALA C 145 -23.81 5.89 -10.10
N TYR C 146 -24.25 6.98 -9.47
CA TYR C 146 -25.09 6.87 -8.29
C TYR C 146 -26.40 6.16 -8.63
N PHE C 147 -27.10 6.64 -9.64
CA PHE C 147 -28.43 6.13 -9.97
C PHE C 147 -28.36 4.82 -10.74
N SER C 148 -27.30 4.62 -11.54
CA SER C 148 -27.11 3.36 -12.24
C SER C 148 -26.83 2.22 -11.26
N PHE C 149 -25.96 2.46 -10.28
CA PHE C 149 -25.73 1.46 -9.23
C PHE C 149 -27.02 1.19 -8.48
N ALA C 150 -27.76 2.25 -8.19
CA ALA C 150 -29.01 2.15 -7.44
C ALA C 150 -30.00 1.20 -8.09
N ALA C 151 -30.11 1.24 -9.42
CA ALA C 151 -31.05 0.40 -10.13
C ALA C 151 -30.76 -1.08 -9.91
N PHE C 152 -29.51 -1.48 -10.13
CA PHE C 152 -29.14 -2.89 -10.15
C PHE C 152 -28.73 -3.43 -8.79
N LEU C 153 -28.83 -2.63 -7.73
CA LEU C 153 -28.46 -3.08 -6.39
C LEU C 153 -29.06 -4.44 -6.01
N PRO C 154 -30.38 -4.67 -6.14
CA PRO C 154 -30.89 -6.01 -5.82
C PRO C 154 -30.33 -7.08 -6.73
N LEU C 155 -30.40 -6.86 -8.04
CA LEU C 155 -29.88 -7.85 -9.00
C LEU C 155 -28.41 -8.15 -8.75
N LEU C 156 -27.65 -7.14 -8.32
CA LEU C 156 -26.20 -7.34 -8.13
C LEU C 156 -25.92 -8.29 -6.97
N SER C 157 -26.63 -8.13 -5.85
CA SER C 157 -26.49 -9.08 -4.75
C SER C 157 -27.21 -10.39 -5.04
N ALA C 158 -28.27 -10.34 -5.84
CA ALA C 158 -28.90 -11.56 -6.32
C ALA C 158 -27.88 -12.46 -7.01
N GLY C 159 -26.92 -11.87 -7.72
CA GLY C 159 -25.83 -12.64 -8.30
C GLY C 159 -24.91 -13.26 -7.26
N ASN C 160 -24.92 -12.74 -6.03
CA ASN C 160 -24.17 -13.38 -4.96
C ASN C 160 -24.89 -14.60 -4.41
N GLU C 161 -26.21 -14.55 -4.35
CA GLU C 161 -26.98 -15.65 -3.76
C GLU C 161 -27.13 -16.83 -4.71
N LYS C 162 -27.15 -16.58 -6.03
CA LYS C 162 -27.24 -17.67 -6.99
C LYS C 162 -25.93 -18.42 -7.19
N GLY C 163 -24.80 -17.81 -6.85
CA GLY C 163 -23.53 -18.52 -6.83
C GLY C 163 -23.07 -19.11 -8.15
N ASN C 164 -23.38 -18.45 -9.28
CA ASN C 164 -22.92 -18.96 -10.57
C ASN C 164 -21.44 -18.69 -10.79
N VAL C 165 -20.83 -17.83 -9.97
CA VAL C 165 -19.40 -17.54 -10.08
C VAL C 165 -18.79 -17.49 -8.70
N PRO C 166 -17.52 -17.87 -8.57
CA PRO C 166 -16.88 -17.80 -7.25
C PRO C 166 -16.61 -16.37 -6.82
N GLN C 167 -16.45 -15.46 -7.77
CA GLN C 167 -16.11 -14.08 -7.46
C GLN C 167 -17.33 -13.36 -6.91
N SER C 168 -17.06 -12.23 -6.27
CA SER C 168 -18.13 -11.36 -5.79
C SER C 168 -18.70 -10.55 -6.94
N SER C 169 -19.93 -10.06 -6.74
CA SER C 169 -20.55 -9.16 -7.70
C SER C 169 -19.72 -7.87 -7.79
N GLN C 170 -19.74 -7.26 -8.96
CA GLN C 170 -18.84 -6.14 -9.25
C GLN C 170 -19.58 -5.06 -10.01
N MET C 171 -19.25 -3.80 -9.72
CA MET C 171 -19.70 -2.65 -10.51
C MET C 171 -18.45 -1.96 -11.05
N ILE C 172 -18.19 -2.16 -12.34
CA ILE C 172 -17.11 -1.47 -13.03
C ILE C 172 -17.67 -0.19 -13.63
N ILE C 173 -17.04 0.95 -13.34
CA ILE C 173 -17.50 2.25 -13.79
C ILE C 173 -16.53 2.77 -14.84
N THR C 174 -17.08 3.37 -15.90
CA THR C 174 -16.31 3.98 -16.97
C THR C 174 -16.98 5.30 -17.34
N GLY C 175 -16.40 6.01 -18.29
CA GLY C 175 -17.05 7.20 -18.81
C GLY C 175 -16.46 7.61 -20.15
N SER C 176 -17.16 8.54 -20.80
CA SER C 176 -16.68 9.12 -22.04
C SER C 176 -16.93 10.62 -22.01
N ILE C 177 -16.12 11.35 -22.79
CA ILE C 177 -16.27 12.79 -22.91
C ILE C 177 -16.98 13.19 -24.18
N GLY C 178 -17.45 12.23 -24.96
CA GLY C 178 -18.17 12.52 -26.19
C GLY C 178 -17.33 13.33 -27.16
N ALA C 179 -17.95 14.35 -27.76
CA ALA C 179 -17.25 15.16 -28.74
C ALA C 179 -16.07 15.91 -28.15
N PHE C 180 -16.01 16.04 -26.82
CA PHE C 180 -14.87 16.71 -26.20
C PHE C 180 -13.56 15.99 -26.44
N GLY C 181 -13.58 14.76 -26.95
CA GLY C 181 -12.35 14.10 -27.33
C GLY C 181 -11.67 14.72 -28.54
N ARG C 182 -12.40 15.56 -29.29
CA ARG C 182 -11.92 16.14 -30.53
C ARG C 182 -11.61 17.63 -30.44
N VAL C 183 -12.00 18.31 -29.36
CA VAL C 183 -11.65 19.70 -29.10
C VAL C 183 -10.28 19.74 -28.43
N PRO C 184 -9.44 20.74 -28.69
CA PRO C 184 -8.12 20.80 -28.03
C PRO C 184 -8.18 20.81 -26.51
N LEU C 185 -9.28 21.26 -25.91
CA LEU C 185 -9.44 21.22 -24.45
C LEU C 185 -10.07 19.91 -24.01
N ALA C 186 -9.47 18.81 -24.48
CA ALA C 186 -10.00 17.48 -24.19
C ALA C 186 -9.62 16.99 -22.80
N HIS C 187 -8.34 17.16 -22.39
CA HIS C 187 -7.94 16.69 -21.06
C HIS C 187 -8.77 17.32 -19.96
N TYR C 188 -9.15 18.59 -20.13
CA TYR C 188 -10.10 19.23 -19.22
C TYR C 188 -11.34 18.35 -19.05
N ALA C 189 -11.94 17.95 -20.17
CA ALA C 189 -13.12 17.09 -20.10
C ALA C 189 -12.77 15.70 -19.58
N TYR C 190 -11.61 15.16 -19.97
CA TYR C 190 -11.22 13.84 -19.50
C TYR C 190 -11.12 13.79 -17.97
N SER C 191 -10.33 14.70 -17.38
CA SER C 191 -10.20 14.72 -15.93
C SER C 191 -11.50 15.11 -15.25
N ALA C 192 -12.27 16.01 -15.86
CA ALA C 192 -13.62 16.30 -15.38
C ALA C 192 -14.44 15.02 -15.30
N SER C 193 -14.33 14.15 -16.30
CA SER C 193 -15.05 12.89 -16.28
C SER C 193 -14.43 11.91 -15.29
N LYS C 194 -13.10 11.78 -15.32
CA LYS C 194 -12.42 10.89 -14.39
C LYS C 194 -12.71 11.26 -12.94
N ALA C 195 -12.67 12.56 -12.62
CA ALA C 195 -12.95 12.99 -11.25
C ALA C 195 -14.37 12.60 -10.85
N GLY C 196 -15.30 12.66 -11.79
CA GLY C 196 -16.68 12.28 -11.52
C GLY C 196 -16.84 10.85 -11.06
N VAL C 197 -16.36 9.90 -11.86
CA VAL C 197 -16.59 8.49 -11.53
C VAL C 197 -15.83 8.08 -10.27
N THR C 198 -14.61 8.60 -10.08
CA THR C 198 -13.83 8.23 -8.91
C THR C 198 -14.45 8.75 -7.62
N HIS C 199 -14.96 9.99 -7.64
CA HIS C 199 -15.61 10.54 -6.46
C HIS C 199 -16.80 9.69 -6.03
N MET C 200 -17.68 9.35 -6.99
CA MET C 200 -18.83 8.52 -6.66
C MET C 200 -18.42 7.09 -6.32
N ALA C 201 -17.41 6.56 -7.01
CA ALA C 201 -16.98 5.19 -6.77
C ALA C 201 -16.40 5.00 -5.37
N LYS C 202 -15.59 5.95 -4.91
CA LYS C 202 -14.93 5.79 -3.61
C LYS C 202 -15.95 5.75 -2.48
N GLN C 203 -17.00 6.54 -2.62
CA GLN C 203 -18.09 6.65 -1.67
C GLN C 203 -19.02 5.46 -1.72
N LEU C 204 -19.26 4.92 -2.92
CA LEU C 204 -20.05 3.70 -3.03
C LEU C 204 -19.27 2.51 -2.51
N ALA C 205 -17.96 2.47 -2.77
CA ALA C 205 -17.11 1.42 -2.25
C ALA C 205 -17.09 1.42 -0.73
N THR C 206 -16.94 2.60 -0.11
CA THR C 206 -16.91 2.67 1.35
C THR C 206 -18.21 2.18 1.96
N ALA C 207 -19.35 2.55 1.39
CA ALA C 207 -20.63 2.24 1.98
C ALA C 207 -21.20 0.88 1.58
N PHE C 208 -20.84 0.36 0.40
CA PHE C 208 -21.50 -0.83 -0.11
C PHE C 208 -20.59 -2.01 -0.37
N THR C 209 -19.27 -1.84 -0.30
CA THR C 209 -18.38 -3.00 -0.33
C THR C 209 -18.61 -3.89 0.89
N LYS C 210 -19.14 -3.32 1.98
CA LYS C 210 -19.53 -4.14 3.12
C LYS C 210 -20.67 -5.09 2.78
N TYR C 211 -21.28 -4.96 1.60
CA TYR C 211 -22.18 -5.97 1.05
C TYR C 211 -21.42 -6.78 0.01
N GLY C 212 -22.12 -7.59 -0.76
CA GLY C 212 -21.42 -8.40 -1.74
C GLY C 212 -21.15 -7.73 -3.07
N ILE C 213 -20.79 -6.45 -3.06
CA ILE C 213 -20.53 -5.71 -4.30
C ILE C 213 -19.27 -4.88 -4.14
N ARG C 214 -18.21 -5.27 -4.84
CA ARG C 214 -16.99 -4.48 -4.93
C ARG C 214 -17.11 -3.55 -6.13
N PHE C 215 -16.55 -2.34 -6.01
CA PHE C 215 -16.64 -1.34 -7.06
C PHE C 215 -15.25 -1.07 -7.64
N ASN C 216 -15.20 -0.88 -8.96
CA ASN C 216 -13.94 -0.69 -9.67
C ASN C 216 -14.15 0.28 -10.82
N VAL C 217 -13.05 0.85 -11.29
CA VAL C 217 -13.07 1.91 -12.30
C VAL C 217 -12.07 1.57 -13.39
N ILE C 218 -12.49 1.69 -14.64
CA ILE C 218 -11.59 1.69 -15.79
C ILE C 218 -11.70 3.05 -16.46
N ALA C 219 -10.60 3.72 -16.58
CA ALA C 219 -10.62 5.06 -17.14
C ALA C 219 -10.19 5.03 -18.61
N PRO C 220 -10.75 5.90 -19.46
CA PRO C 220 -10.34 5.96 -20.88
C PRO C 220 -8.85 6.21 -21.07
N GLY C 254 -4.99 3.56 -29.00
CA GLY C 254 -5.52 2.55 -28.10
C GLY C 254 -5.90 1.25 -28.80
N ASN C 255 -5.66 0.14 -28.13
CA ASN C 255 -5.89 -1.18 -28.71
C ASN C 255 -7.05 -1.89 -28.00
N ASP C 256 -7.71 -2.77 -28.75
CA ASP C 256 -8.81 -3.57 -28.23
C ASP C 256 -8.37 -4.62 -27.21
N GLU C 257 -7.07 -4.95 -27.17
CA GLU C 257 -6.60 -5.98 -26.26
C GLU C 257 -6.32 -5.44 -24.86
N ASP C 258 -6.05 -4.15 -24.73
CA ASP C 258 -5.81 -3.56 -23.42
C ASP C 258 -7.05 -3.68 -22.55
N VAL C 259 -8.18 -3.34 -23.13
CA VAL C 259 -9.42 -3.34 -22.39
C VAL C 259 -9.89 -4.76 -22.14
N ALA C 260 -9.69 -5.65 -23.12
CA ALA C 260 -10.08 -7.05 -22.92
C ALA C 260 -9.35 -7.66 -21.74
N GLY C 261 -8.02 -7.50 -21.70
CA GLY C 261 -7.21 -7.88 -20.56
C GLY C 261 -7.77 -7.41 -19.24
N CYS C 262 -8.00 -6.11 -19.13
CA CYS C 262 -8.56 -5.53 -17.91
C CYS C 262 -9.91 -6.16 -17.57
N ILE C 263 -10.91 -5.96 -18.44
CA ILE C 263 -12.27 -6.42 -18.14
C ILE C 263 -12.30 -7.93 -17.85
N LEU C 264 -11.43 -8.70 -18.51
CA LEU C 264 -11.41 -10.14 -18.28
C LEU C 264 -10.67 -10.50 -17.00
N TRP C 265 -9.59 -9.78 -16.69
CA TRP C 265 -8.91 -10.00 -15.42
C TRP C 265 -9.74 -9.49 -14.25
N LEU C 266 -10.48 -8.39 -14.44
CA LEU C 266 -11.20 -7.75 -13.34
C LEU C 266 -12.45 -8.50 -12.94
N ALA C 267 -13.31 -8.82 -13.90
CA ALA C 267 -14.60 -9.44 -13.59
C ALA C 267 -14.49 -10.94 -13.33
N SER C 268 -13.46 -11.59 -13.85
CA SER C 268 -13.32 -13.03 -13.73
C SER C 268 -12.83 -13.43 -12.34
N LYS C 269 -12.67 -14.74 -12.17
CA LYS C 269 -12.16 -15.31 -10.93
C LYS C 269 -10.73 -14.85 -10.62
N ALA C 270 -9.92 -14.61 -11.66
CA ALA C 270 -8.58 -14.08 -11.45
C ALA C 270 -8.57 -12.76 -10.68
N GLY C 271 -9.64 -11.98 -10.81
CA GLY C 271 -9.73 -10.70 -10.11
C GLY C 271 -10.91 -10.63 -9.19
N ALA C 272 -10.98 -11.54 -8.21
CA ALA C 272 -12.04 -11.53 -7.22
C ALA C 272 -11.68 -10.74 -5.97
N TRP C 273 -10.39 -10.51 -5.72
CA TRP C 273 -9.95 -9.79 -4.54
C TRP C 273 -9.41 -8.41 -4.88
N VAL C 274 -9.96 -7.77 -5.91
CA VAL C 274 -9.56 -6.43 -6.32
C VAL C 274 -10.77 -5.50 -6.19
N SER C 275 -10.71 -4.56 -5.24
CA SER C 275 -11.79 -3.61 -5.03
C SER C 275 -11.22 -2.23 -4.74
N GLY C 276 -11.84 -1.20 -5.33
CA GLY C 276 -11.43 0.17 -5.10
C GLY C 276 -10.35 0.69 -6.01
N ASN C 277 -9.83 -0.13 -6.92
CA ASN C 277 -8.75 0.29 -7.79
C ASN C 277 -9.27 1.13 -8.95
N VAL C 278 -8.36 1.87 -9.57
CA VAL C 278 -8.67 2.69 -10.72
C VAL C 278 -7.62 2.36 -11.78
N LEU C 279 -8.08 1.84 -12.92
CA LEU C 279 -7.18 1.28 -13.93
C LEU C 279 -7.12 2.28 -15.06
N VAL C 280 -5.91 2.71 -15.38
CA VAL C 280 -5.70 3.74 -16.38
C VAL C 280 -5.65 3.12 -17.78
#